data_5JAY
#
_entry.id   5JAY
#
_cell.length_a   171.870
_cell.length_b   63.200
_cell.length_c   65.190
_cell.angle_alpha   90.000
_cell.angle_beta   90.000
_cell.angle_gamma   90.000
#
_symmetry.space_group_name_H-M   'P 21 21 2'
#
loop_
_entity.id
_entity.type
_entity.pdbx_description
1 polymer '8-amino-7-oxononanoate synthase'
2 water water
#
_entity_poly.entity_id   1
_entity_poly.type   'polypeptide(L)'
_entity_poly.pdbx_seq_one_letter_code
;MAHHHHHHMHLLDTLAEGLKEIDARGLRRRRRTADTPCAAHMTVDGRAIIGFASNDYLGLAAHPQLIAAIAEGAQRYGAG
SGGSHLLGGHSRAHAQLEDDLAEFVGGFVENARALYFSTGYMANLATLTALAGRGTTLFSDALNHASLIDGARLSRADVQ
IYPHCDTDALSAMLEASDADVKVIVSDTVFSMDGDIAPLPRLLELAEQHGAWLIVDDAHGFGVLGPQGRGAIAQAALRSP
NLISIGTLDKAAGVSGAFVAAHETVIEWLVQRARPYIFTTASVPAAAHAVSASLRIIGGEEGDARRAHLQQLIGRTRAML
KATPWLPVDSHTAVQPLIIGANDATLEIAATLDRAGLWVPAIRPPTVPTGTSRLRISLSAAHSQADLDRLEAGLQQLGAK
AA
;
_entity_poly.pdbx_strand_id   A,B
#
# COMPACT_ATOMS: atom_id res chain seq x y z
N HIS A 6 -17.04 19.79 26.15
CA HIS A 6 -16.78 20.23 24.78
C HIS A 6 -15.31 20.61 24.60
N HIS A 7 -14.43 19.63 24.84
CA HIS A 7 -13.00 19.84 24.69
C HIS A 7 -12.63 20.19 23.26
N HIS A 8 -11.67 21.09 23.10
CA HIS A 8 -11.18 21.47 21.77
C HIS A 8 -9.70 21.13 21.62
N MET A 9 -9.36 20.50 20.50
CA MET A 9 -7.96 20.20 20.17
C MET A 9 -7.36 21.40 19.45
N HIS A 10 -6.47 22.13 20.15
CA HIS A 10 -5.97 23.39 19.59
C HIS A 10 -5.20 23.19 18.28
N LEU A 11 -4.62 22.01 18.06
CA LEU A 11 -3.92 21.82 16.79
C LEU A 11 -4.86 21.80 15.61
N LEU A 12 -6.17 21.63 15.83
CA LEU A 12 -7.12 21.78 14.73
C LEU A 12 -7.03 23.17 14.12
N ASP A 13 -6.71 24.17 14.95
CA ASP A 13 -6.60 25.56 14.48
C ASP A 13 -5.48 25.72 13.46
N THR A 14 -4.36 25.04 13.70
CA THR A 14 -3.23 25.14 12.78
C THR A 14 -3.57 24.51 11.45
N LEU A 15 -4.29 23.37 11.49
CA LEU A 15 -4.75 22.74 10.27
C LEU A 15 -5.69 23.66 9.49
N ALA A 16 -6.68 24.22 10.19
CA ALA A 16 -7.65 25.07 9.54
C ALA A 16 -6.98 26.28 8.89
N GLU A 17 -5.97 26.86 9.57
CA GLU A 17 -5.24 27.99 8.98
C GLU A 17 -4.43 27.54 7.78
N GLY A 18 -3.79 26.37 7.87
CA GLY A 18 -3.01 25.87 6.75
C GLY A 18 -3.85 25.60 5.51
N LEU A 19 -5.09 25.14 5.71
CA LEU A 19 -5.98 24.90 4.58
C LEU A 19 -6.32 26.20 3.87
N LYS A 20 -6.61 27.26 4.63
CA LYS A 20 -6.88 28.56 4.01
C LYS A 20 -5.67 29.06 3.23
N GLU A 21 -4.47 28.85 3.77
CA GLU A 21 -3.25 29.23 3.04
C GLU A 21 -3.13 28.45 1.75
N ILE A 22 -3.55 27.18 1.76
CA ILE A 22 -3.46 26.36 0.55
C ILE A 22 -4.39 26.90 -0.53
N ASP A 23 -5.58 27.37 -0.12
CA ASP A 23 -6.51 27.96 -1.07
C ASP A 23 -5.91 29.19 -1.75
N ALA A 24 -5.31 30.09 -0.96
CA ALA A 24 -4.78 31.33 -1.50
C ALA A 24 -3.64 31.06 -2.49
N ARG A 25 -2.72 30.18 -2.12
CA ARG A 25 -1.56 29.91 -2.95
C ARG A 25 -1.87 29.07 -4.19
N GLY A 26 -3.11 28.63 -4.37
CA GLY A 26 -3.47 27.91 -5.58
C GLY A 26 -3.12 26.44 -5.59
N LEU A 27 -2.94 25.83 -4.41
CA LEU A 27 -2.51 24.44 -4.32
C LEU A 27 -3.62 23.52 -3.84
N ARG A 28 -4.88 23.98 -3.89
CA ARG A 28 -5.99 23.15 -3.44
C ARG A 28 -6.16 21.94 -4.36
N ARG A 29 -6.36 20.77 -3.76
CA ARG A 29 -6.60 19.54 -4.51
C ARG A 29 -8.07 19.17 -4.44
N ARG A 30 -8.66 18.81 -5.58
CA ARG A 30 -10.04 18.35 -5.66
C ARG A 30 -10.06 16.87 -6.02
N ARG A 31 -10.74 16.07 -5.22
CA ARG A 31 -10.96 14.66 -5.53
C ARG A 31 -12.31 14.52 -6.22
N ARG A 32 -12.30 14.07 -7.47
CA ARG A 32 -13.54 13.89 -8.22
C ARG A 32 -13.99 12.44 -8.13
N THR A 33 -15.30 12.25 -8.04
CA THR A 33 -15.91 10.93 -7.93
C THR A 33 -16.38 10.49 -9.31
N ALA A 34 -15.88 9.35 -9.76
CA ALA A 34 -16.25 8.82 -11.07
C ALA A 34 -17.52 7.98 -10.94
N ASP A 35 -18.55 8.35 -11.68
CA ASP A 35 -19.82 7.63 -11.67
C ASP A 35 -19.76 6.34 -12.49
N THR A 36 -18.76 6.18 -13.36
CA THR A 36 -18.63 5.05 -14.28
C THR A 36 -17.19 4.55 -14.24
N PRO A 37 -16.89 3.37 -14.81
CA PRO A 37 -15.52 2.84 -14.72
C PRO A 37 -14.47 3.74 -15.37
N CYS A 38 -13.24 3.57 -14.91
CA CYS A 38 -12.11 4.26 -15.53
CA CYS A 38 -12.13 4.27 -15.54
C CYS A 38 -12.04 3.89 -17.00
N ALA A 39 -12.07 4.89 -17.87
CA ALA A 39 -12.13 4.66 -19.31
C ALA A 39 -11.96 6.01 -20.01
N ALA A 40 -11.86 5.98 -21.33
CA ALA A 40 -11.67 7.21 -22.09
C ALA A 40 -12.80 8.20 -21.84
N HIS A 41 -14.04 7.74 -21.92
CA HIS A 41 -15.21 8.54 -21.61
C HIS A 41 -15.73 8.10 -20.24
N MET A 42 -15.94 9.08 -19.35
CA MET A 42 -16.41 8.79 -18.00
C MET A 42 -17.40 9.87 -17.61
N THR A 43 -18.31 9.51 -16.71
CA THR A 43 -19.27 10.46 -16.17
C THR A 43 -18.84 10.89 -14.77
N VAL A 44 -18.75 12.21 -14.57
CA VAL A 44 -18.39 12.81 -13.29
C VAL A 44 -19.44 13.85 -12.95
N ASP A 45 -20.05 13.74 -11.77
CA ASP A 45 -21.09 14.67 -11.34
C ASP A 45 -22.22 14.76 -12.34
N GLY A 46 -22.53 13.63 -13.00
CA GLY A 46 -23.66 13.59 -13.90
C GLY A 46 -23.39 14.15 -15.27
N ARG A 47 -22.15 14.44 -15.59
CA ARG A 47 -21.80 14.95 -16.91
C ARG A 47 -20.76 14.04 -17.53
N ALA A 48 -21.05 13.54 -18.73
CA ALA A 48 -20.09 12.72 -19.44
C ALA A 48 -18.96 13.60 -19.96
N ILE A 49 -17.72 13.23 -19.64
CA ILE A 49 -16.56 13.97 -20.10
C ILE A 49 -15.56 12.98 -20.70
N ILE A 50 -14.53 13.53 -21.35
CA ILE A 50 -13.42 12.73 -21.84
C ILE A 50 -12.25 12.96 -20.89
N GLY A 51 -11.71 11.88 -20.36
CA GLY A 51 -10.69 11.96 -19.33
C GLY A 51 -9.30 11.77 -19.91
N PHE A 52 -8.41 12.69 -19.57
CA PHE A 52 -6.98 12.55 -19.82
C PHE A 52 -6.20 12.58 -18.51
N ALA A 53 -6.81 12.06 -17.44
CA ALA A 53 -6.24 12.13 -16.12
C ALA A 53 -5.65 10.82 -15.62
N SER A 54 -6.14 9.69 -16.10
CA SER A 54 -5.73 8.41 -15.52
C SER A 54 -4.41 7.94 -16.13
N ASN A 55 -3.87 6.89 -15.53
CA ASN A 55 -2.69 6.22 -16.06
C ASN A 55 -3.05 4.85 -16.63
N ASP A 56 -4.27 4.73 -17.14
CA ASP A 56 -4.80 3.52 -17.75
C ASP A 56 -4.33 3.45 -19.20
N TYR A 57 -3.01 3.30 -19.37
CA TYR A 57 -2.38 3.63 -20.65
C TYR A 57 -2.84 2.72 -21.79
N LEU A 58 -3.26 1.50 -21.48
CA LEU A 58 -3.69 0.57 -22.51
C LEU A 58 -5.21 0.43 -22.58
N GLY A 59 -5.95 1.17 -21.75
CA GLY A 59 -7.39 1.05 -21.74
C GLY A 59 -7.91 -0.26 -21.18
N LEU A 60 -7.17 -0.89 -20.28
CA LEU A 60 -7.55 -2.21 -19.75
C LEU A 60 -8.38 -2.16 -18.46
N ALA A 61 -8.41 -1.03 -17.75
CA ALA A 61 -9.07 -1.01 -16.43
C ALA A 61 -10.53 -1.47 -16.50
N ALA A 62 -11.22 -1.19 -17.60
CA ALA A 62 -12.62 -1.54 -17.75
C ALA A 62 -12.82 -2.67 -18.75
N HIS A 63 -11.76 -3.41 -19.07
CA HIS A 63 -11.83 -4.43 -20.11
C HIS A 63 -12.70 -5.60 -19.68
N PRO A 64 -13.62 -6.07 -20.54
CA PRO A 64 -14.54 -7.14 -20.11
C PRO A 64 -13.82 -8.40 -19.65
N GLN A 65 -12.67 -8.73 -20.23
CA GLN A 65 -11.95 -9.93 -19.78
C GLN A 65 -11.39 -9.74 -18.37
N LEU A 66 -11.04 -8.51 -17.99
CA LEU A 66 -10.50 -8.34 -16.65
C LEU A 66 -11.62 -8.27 -15.63
N ILE A 67 -12.74 -7.64 -15.99
CA ILE A 67 -13.93 -7.71 -15.15
C ILE A 67 -14.30 -9.17 -14.89
N ALA A 68 -14.33 -9.98 -15.96
CA ALA A 68 -14.68 -11.38 -15.79
C ALA A 68 -13.65 -12.10 -14.93
N ALA A 69 -12.37 -11.76 -15.06
CA ALA A 69 -11.35 -12.43 -14.26
C ALA A 69 -11.47 -12.07 -12.78
N ILE A 70 -11.87 -10.85 -12.46
CA ILE A 70 -12.12 -10.51 -11.06
C ILE A 70 -13.21 -11.40 -10.50
N ALA A 71 -14.34 -11.51 -11.22
CA ALA A 71 -15.44 -12.32 -10.71
C ALA A 71 -15.02 -13.77 -10.55
N GLU A 72 -14.32 -14.30 -11.56
CA GLU A 72 -13.90 -15.70 -11.50
C GLU A 72 -12.90 -15.91 -10.37
N GLY A 73 -11.97 -14.97 -10.21
CA GLY A 73 -10.97 -15.10 -9.16
C GLY A 73 -11.58 -15.12 -7.76
N ALA A 74 -12.56 -14.26 -7.51
CA ALA A 74 -13.22 -14.26 -6.20
C ALA A 74 -13.99 -15.55 -5.96
N GLN A 75 -14.66 -16.07 -6.99
CA GLN A 75 -15.39 -17.32 -6.82
C GLN A 75 -14.45 -18.47 -6.51
N ARG A 76 -13.25 -18.45 -7.10
CA ARG A 76 -12.31 -19.56 -6.93
C ARG A 76 -11.50 -19.44 -5.65
N TYR A 77 -11.11 -18.22 -5.26
CA TYR A 77 -10.17 -18.06 -4.16
C TYR A 77 -10.72 -17.29 -2.96
N GLY A 78 -11.95 -16.79 -3.03
CA GLY A 78 -12.54 -16.04 -1.94
C GLY A 78 -12.36 -14.54 -2.12
N ALA A 79 -13.00 -13.79 -1.22
CA ALA A 79 -12.95 -12.33 -1.33
C ALA A 79 -11.64 -11.79 -0.80
N GLY A 80 -11.21 -12.23 0.38
CA GLY A 80 -9.95 -11.71 0.92
C GLY A 80 -8.87 -12.76 1.04
N SER A 81 -7.63 -12.32 1.24
CA SER A 81 -6.50 -13.24 1.40
C SER A 81 -6.31 -13.73 2.83
N GLY A 82 -7.12 -13.25 3.78
CA GLY A 82 -7.09 -13.74 5.15
C GLY A 82 -6.03 -13.10 6.03
N HIS A 90 -1.05 -16.17 1.22
CA HIS A 90 -0.56 -16.33 -0.14
C HIS A 90 -1.46 -17.31 -0.91
N SER A 91 -2.36 -16.78 -1.73
CA SER A 91 -3.29 -17.64 -2.45
C SER A 91 -2.59 -18.29 -3.64
N ARG A 92 -3.23 -19.32 -4.17
CA ARG A 92 -2.72 -19.94 -5.40
C ARG A 92 -2.64 -18.92 -6.54
N ALA A 93 -3.57 -17.96 -6.58
CA ALA A 93 -3.53 -16.92 -7.61
C ALA A 93 -2.29 -16.04 -7.45
N HIS A 94 -1.91 -15.73 -6.21
CA HIS A 94 -0.70 -14.94 -6.00
C HIS A 94 0.54 -15.72 -6.45
N ALA A 95 0.63 -17.00 -6.08
CA ALA A 95 1.80 -17.80 -6.48
C ALA A 95 1.88 -17.94 -7.99
N GLN A 96 0.74 -18.20 -8.64
CA GLN A 96 0.72 -18.34 -10.08
C GLN A 96 1.14 -17.05 -10.76
N LEU A 97 0.68 -15.91 -10.24
CA LEU A 97 1.04 -14.63 -10.83
C LEU A 97 2.55 -14.41 -10.78
N GLU A 98 3.18 -14.82 -9.68
CA GLU A 98 4.63 -14.66 -9.58
C GLU A 98 5.35 -15.49 -10.64
N ASP A 99 4.83 -16.69 -10.94
CA ASP A 99 5.37 -17.45 -12.07
C ASP A 99 5.15 -16.71 -13.38
N ASP A 100 3.94 -16.18 -13.58
CA ASP A 100 3.63 -15.53 -14.86
C ASP A 100 4.52 -14.29 -15.06
N LEU A 101 4.70 -13.49 -14.00
CA LEU A 101 5.53 -12.29 -14.09
C LEU A 101 6.98 -12.63 -14.40
N ALA A 102 7.54 -13.62 -13.71
CA ALA A 102 8.92 -14.00 -13.99
C ALA A 102 9.11 -14.36 -15.47
N GLU A 103 8.16 -15.09 -16.04
CA GLU A 103 8.27 -15.45 -17.45
C GLU A 103 8.11 -14.23 -18.36
N PHE A 104 7.31 -13.26 -17.96
CA PHE A 104 7.02 -12.14 -18.87
C PHE A 104 8.12 -11.09 -18.85
N VAL A 105 8.57 -10.69 -17.66
CA VAL A 105 9.47 -9.54 -17.52
C VAL A 105 10.90 -9.93 -17.14
N GLY A 106 11.16 -11.20 -16.85
CA GLY A 106 12.46 -11.61 -16.35
C GLY A 106 13.51 -11.93 -17.38
N GLY A 107 13.32 -11.54 -18.64
CA GLY A 107 14.23 -11.95 -19.70
C GLY A 107 15.63 -11.37 -19.60
N PHE A 108 15.86 -10.41 -18.69
CA PHE A 108 17.18 -9.80 -18.57
C PHE A 108 18.17 -10.65 -17.77
N VAL A 109 17.73 -11.73 -17.16
CA VAL A 109 18.61 -12.57 -16.36
C VAL A 109 18.11 -14.01 -16.44
N GLU A 110 19.05 -14.95 -16.53
CA GLU A 110 18.68 -16.36 -16.43
C GLU A 110 18.18 -16.68 -15.03
N ASN A 111 17.25 -17.62 -14.94
CA ASN A 111 16.70 -18.09 -13.67
C ASN A 111 16.07 -16.93 -12.88
N ALA A 112 15.29 -16.11 -13.59
CA ALA A 112 14.58 -15.02 -12.94
C ALA A 112 13.46 -15.55 -12.05
N ARG A 113 13.21 -14.83 -10.97
CA ARG A 113 12.03 -15.02 -10.14
C ARG A 113 11.36 -13.66 -9.95
N ALA A 114 10.11 -13.68 -9.50
CA ALA A 114 9.38 -12.44 -9.23
C ALA A 114 8.64 -12.56 -7.91
N LEU A 115 8.41 -11.41 -7.28
CA LEU A 115 7.65 -11.30 -6.05
C LEU A 115 6.53 -10.30 -6.27
N TYR A 116 5.32 -10.63 -5.81
CA TYR A 116 4.16 -9.75 -5.97
C TYR A 116 3.93 -9.01 -4.66
N PHE A 117 3.77 -7.69 -4.75
CA PHE A 117 3.55 -6.83 -3.60
C PHE A 117 2.24 -6.08 -3.76
N SER A 118 1.68 -5.63 -2.63
CA SER A 118 0.39 -4.96 -2.72
C SER A 118 0.48 -3.61 -3.41
N THR A 119 1.60 -2.90 -3.27
CA THR A 119 1.77 -1.57 -3.82
C THR A 119 3.19 -1.42 -4.35
N GLY A 120 3.35 -0.46 -5.27
CA GLY A 120 4.68 -0.13 -5.73
C GLY A 120 5.57 0.37 -4.60
N TYR A 121 4.99 1.12 -3.66
CA TYR A 121 5.76 1.59 -2.52
C TYR A 121 6.36 0.42 -1.75
N MET A 122 5.55 -0.62 -1.49
CA MET A 122 6.04 -1.78 -0.75
C MET A 122 7.12 -2.51 -1.51
N ALA A 123 6.98 -2.61 -2.82
CA ALA A 123 7.99 -3.25 -3.64
C ALA A 123 9.32 -2.51 -3.54
N ASN A 124 9.28 -1.18 -3.66
CA ASN A 124 10.48 -0.37 -3.46
C ASN A 124 11.05 -0.56 -2.05
N LEU A 125 10.17 -0.54 -1.05
CA LEU A 125 10.63 -0.63 0.34
C LEU A 125 11.30 -1.96 0.62
N ALA A 126 10.66 -3.07 0.21
CA ALA A 126 11.25 -4.39 0.39
C ALA A 126 12.63 -4.49 -0.24
N THR A 127 12.75 -3.98 -1.47
CA THR A 127 14.01 -4.10 -2.21
C THR A 127 15.12 -3.30 -1.55
N LEU A 128 14.84 -2.03 -1.23
CA LEU A 128 15.88 -1.17 -0.67
C LEU A 128 16.26 -1.58 0.75
N THR A 129 15.29 -1.95 1.59
CA THR A 129 15.67 -2.32 2.96
C THR A 129 16.49 -3.61 2.96
N ALA A 130 16.18 -4.54 2.04
CA ALA A 130 16.93 -5.79 2.00
C ALA A 130 18.37 -5.58 1.50
N LEU A 131 18.54 -4.69 0.52
CA LEU A 131 19.86 -4.53 -0.11
C LEU A 131 20.68 -3.38 0.44
N ALA A 132 20.04 -2.34 0.94
CA ALA A 132 20.76 -1.18 1.46
C ALA A 132 20.84 -1.24 2.98
N GLY A 133 21.92 -0.68 3.50
CA GLY A 133 22.09 -0.54 4.93
C GLY A 133 23.11 0.53 5.22
N ARG A 134 23.53 0.61 6.48
CA ARG A 134 24.65 1.48 6.82
C ARG A 134 25.88 1.01 6.07
N GLY A 135 26.62 1.96 5.48
CA GLY A 135 27.70 1.64 4.58
C GLY A 135 27.31 1.55 3.13
N THR A 136 26.01 1.49 2.83
CA THR A 136 25.52 1.58 1.46
C THR A 136 25.37 3.04 1.07
N THR A 137 25.75 3.37 -0.16
CA THR A 137 25.46 4.67 -0.74
C THR A 137 24.49 4.48 -1.89
N LEU A 138 23.39 5.25 -1.88
CA LEU A 138 22.32 5.12 -2.86
C LEU A 138 22.35 6.35 -3.75
N PHE A 139 22.45 6.13 -5.06
CA PHE A 139 22.51 7.20 -6.07
C PHE A 139 21.19 7.26 -6.79
N SER A 140 20.51 8.41 -6.72
CA SER A 140 19.11 8.53 -7.09
C SER A 140 18.90 9.70 -8.02
N ASP A 141 18.19 9.45 -9.13
CA ASP A 141 17.86 10.51 -10.08
C ASP A 141 17.01 11.58 -9.43
N ALA A 142 17.32 12.84 -9.75
CA ALA A 142 16.71 13.98 -9.06
C ALA A 142 15.19 14.03 -9.25
N LEU A 143 14.68 13.55 -10.38
CA LEU A 143 13.26 13.57 -10.67
C LEU A 143 12.55 12.28 -10.29
N ASN A 144 13.23 11.36 -9.59
CA ASN A 144 12.57 10.13 -9.14
C ASN A 144 11.33 10.47 -8.32
N HIS A 145 10.30 9.63 -8.47
CA HIS A 145 9.06 9.88 -7.74
C HIS A 145 9.28 9.71 -6.23
N ALA A 146 8.36 10.29 -5.47
CA ALA A 146 8.57 10.45 -4.03
C ALA A 146 8.60 9.11 -3.30
N SER A 147 7.90 8.09 -3.81
CA SER A 147 7.94 6.80 -3.11
C SER A 147 9.37 6.25 -3.05
N LEU A 148 10.08 6.28 -4.19
CA LEU A 148 11.48 5.85 -4.19
C LEU A 148 12.31 6.65 -3.21
N ILE A 149 12.07 7.97 -3.16
CA ILE A 149 12.73 8.82 -2.17
C ILE A 149 12.45 8.31 -0.76
N ASP A 150 11.17 8.07 -0.45
CA ASP A 150 10.80 7.64 0.90
C ASP A 150 11.40 6.27 1.24
N GLY A 151 11.40 5.36 0.27
CA GLY A 151 11.96 4.04 0.53
C GLY A 151 13.44 4.11 0.86
N ALA A 152 14.16 5.03 0.22
CA ALA A 152 15.59 5.14 0.42
C ALA A 152 15.93 5.73 1.79
N ARG A 153 15.21 6.78 2.19
CA ARG A 153 15.45 7.38 3.50
C ARG A 153 15.26 6.36 4.62
N LEU A 154 14.27 5.48 4.49
CA LEU A 154 14.07 4.43 5.48
C LEU A 154 15.23 3.45 5.50
N SER A 155 15.90 3.26 4.35
CA SER A 155 16.95 2.26 4.23
C SER A 155 18.12 2.50 5.19
N ARG A 156 18.23 3.72 5.73
CA ARG A 156 19.32 4.15 6.61
C ARG A 156 20.65 4.28 5.86
N ALA A 157 20.61 4.35 4.54
CA ALA A 157 21.80 4.55 3.72
C ALA A 157 21.97 6.02 3.40
N ASP A 158 23.19 6.37 2.98
CA ASP A 158 23.45 7.72 2.48
C ASP A 158 22.88 7.85 1.08
N VAL A 159 22.01 8.84 0.88
CA VAL A 159 21.39 9.09 -0.42
C VAL A 159 22.09 10.28 -1.08
N GLN A 160 22.63 10.06 -2.27
CA GLN A 160 23.18 11.12 -3.10
C GLN A 160 22.32 11.28 -4.35
N ILE A 161 21.90 12.52 -4.61
CA ILE A 161 21.00 12.82 -5.72
C ILE A 161 21.82 13.23 -6.94
N TYR A 162 21.70 12.44 -8.04
CA TYR A 162 22.41 12.97 -9.20
C TYR A 162 21.45 13.75 -10.10
N PRO A 163 21.95 14.76 -10.83
CA PRO A 163 21.06 15.55 -11.69
C PRO A 163 20.36 14.66 -12.71
N HIS A 164 19.16 15.09 -13.10
CA HIS A 164 18.25 14.27 -13.90
C HIS A 164 18.93 13.71 -15.15
N CYS A 165 19.00 12.39 -15.22
CA CYS A 165 19.55 11.63 -16.35
C CYS A 165 20.98 12.05 -16.70
N ASP A 166 21.65 12.76 -15.79
CA ASP A 166 22.99 13.27 -16.01
C ASP A 166 23.98 12.18 -15.62
N THR A 167 24.29 11.29 -16.58
CA THR A 167 25.18 10.18 -16.30
C THR A 167 26.64 10.61 -16.18
N ASP A 168 27.03 11.74 -16.78
CA ASP A 168 28.39 12.23 -16.55
C ASP A 168 28.55 12.67 -15.11
N ALA A 169 27.56 13.38 -14.56
CA ALA A 169 27.61 13.74 -13.16
C ALA A 169 27.57 12.50 -12.27
N LEU A 170 26.69 11.54 -12.60
CA LEU A 170 26.61 10.31 -11.81
C LEU A 170 27.91 9.53 -11.88
N SER A 171 28.53 9.47 -13.06
CA SER A 171 29.82 8.81 -13.17
C SER A 171 30.85 9.44 -12.24
N ALA A 172 30.84 10.78 -12.16
CA ALA A 172 31.80 11.46 -11.28
C ALA A 172 31.47 11.23 -9.82
N MET A 173 30.19 11.10 -9.48
CA MET A 173 29.81 10.82 -8.09
C MET A 173 30.15 9.38 -7.70
N LEU A 174 30.00 8.45 -8.64
CA LEU A 174 30.32 7.06 -8.35
C LEU A 174 31.81 6.87 -8.06
N GLU A 175 32.66 7.41 -8.94
CA GLU A 175 34.09 7.29 -8.72
C GLU A 175 34.51 8.00 -7.44
N ALA A 176 33.82 9.10 -7.11
CA ALA A 176 34.01 9.76 -5.81
C ALA A 176 33.11 9.10 -4.76
N SER A 177 33.31 7.80 -4.56
CA SER A 177 32.62 7.06 -3.51
C SER A 177 33.38 5.78 -3.23
N ASP A 178 33.71 5.55 -1.96
CA ASP A 178 34.41 4.36 -1.52
C ASP A 178 33.50 3.36 -0.82
N ALA A 179 32.18 3.49 -1.02
CA ALA A 179 31.22 2.69 -0.27
C ALA A 179 31.34 1.21 -0.61
N ASP A 180 31.16 0.37 0.43
CA ASP A 180 31.20 -1.07 0.22
C ASP A 180 30.02 -1.56 -0.61
N VAL A 181 28.88 -0.88 -0.51
CA VAL A 181 27.67 -1.23 -1.24
C VAL A 181 27.18 0.01 -1.96
N LYS A 182 27.06 -0.07 -3.28
CA LYS A 182 26.53 1.02 -4.09
C LYS A 182 25.26 0.55 -4.79
N VAL A 183 24.23 1.41 -4.78
CA VAL A 183 22.96 1.13 -5.44
C VAL A 183 22.59 2.35 -6.28
N ILE A 184 22.29 2.14 -7.55
CA ILE A 184 21.76 3.18 -8.42
C ILE A 184 20.27 2.95 -8.57
N VAL A 185 19.46 4.01 -8.42
CA VAL A 185 18.00 3.91 -8.45
C VAL A 185 17.45 4.96 -9.40
N SER A 186 16.63 4.52 -10.35
CA SER A 186 16.04 5.42 -11.31
C SER A 186 14.66 4.90 -11.72
N ASP A 187 13.71 5.82 -11.86
CA ASP A 187 12.53 5.53 -12.68
C ASP A 187 12.94 5.26 -14.11
N THR A 188 12.13 4.47 -14.82
CA THR A 188 12.40 4.28 -16.25
C THR A 188 11.72 5.36 -17.08
N VAL A 189 10.42 5.56 -16.88
CA VAL A 189 9.67 6.66 -17.46
C VAL A 189 9.31 7.61 -16.33
N PHE A 190 9.66 8.88 -16.45
CA PHE A 190 9.42 9.82 -15.35
C PHE A 190 7.97 10.31 -15.39
N SER A 191 7.29 10.22 -14.25
CA SER A 191 5.83 10.20 -14.26
C SER A 191 5.22 11.54 -14.65
N MET A 192 5.92 12.65 -14.40
CA MET A 192 5.38 13.97 -14.70
C MET A 192 6.01 14.61 -15.93
N ASP A 193 6.92 13.92 -16.60
CA ASP A 193 7.63 14.45 -17.75
C ASP A 193 7.53 13.54 -18.97
N GLY A 194 7.54 12.23 -18.79
CA GLY A 194 7.38 11.32 -19.90
C GLY A 194 8.67 10.86 -20.56
N ASP A 195 9.82 11.43 -20.19
CA ASP A 195 11.07 11.00 -20.81
C ASP A 195 11.54 9.68 -20.21
N ILE A 196 12.42 9.00 -20.94
CA ILE A 196 12.86 7.66 -20.60
C ILE A 196 14.31 7.72 -20.16
N ALA A 197 14.61 7.07 -19.03
CA ALA A 197 15.95 7.10 -18.46
C ALA A 197 16.97 6.45 -19.39
N PRO A 198 18.30 6.88 -19.34
CA PRO A 198 19.36 6.27 -20.18
C PRO A 198 19.84 4.95 -19.60
N LEU A 199 18.98 3.94 -19.66
CA LEU A 199 19.27 2.66 -19.04
C LEU A 199 20.55 2.00 -19.56
N PRO A 200 20.85 2.00 -20.86
CA PRO A 200 22.14 1.41 -21.27
C PRO A 200 23.34 2.02 -20.56
N ARG A 201 23.42 3.36 -20.51
CA ARG A 201 24.57 3.99 -19.87
C ARG A 201 24.54 3.77 -18.35
N LEU A 202 23.34 3.82 -17.75
CA LEU A 202 23.23 3.56 -16.32
C LEU A 202 23.71 2.17 -15.97
N LEU A 203 23.40 1.19 -16.82
CA LEU A 203 23.81 -0.18 -16.55
C LEU A 203 25.32 -0.36 -16.73
N GLU A 204 25.88 0.30 -17.74
CA GLU A 204 27.33 0.32 -17.90
C GLU A 204 28.01 0.79 -16.61
N LEU A 205 27.53 1.89 -16.06
CA LEU A 205 28.10 2.42 -14.83
C LEU A 205 27.90 1.45 -13.68
N ALA A 206 26.73 0.80 -13.62
CA ALA A 206 26.45 -0.12 -12.52
C ALA A 206 27.39 -1.33 -12.56
N GLU A 207 27.62 -1.88 -13.76
CA GLU A 207 28.54 -3.01 -13.84
C GLU A 207 29.97 -2.58 -13.57
N GLN A 208 30.38 -1.42 -14.09
CA GLN A 208 31.74 -0.95 -13.88
C GLN A 208 32.06 -0.79 -12.40
N HIS A 209 31.11 -0.26 -11.63
CA HIS A 209 31.32 0.03 -10.23
C HIS A 209 30.81 -1.07 -9.31
N GLY A 210 30.33 -2.18 -9.88
CA GLY A 210 29.83 -3.28 -9.07
C GLY A 210 28.64 -2.90 -8.23
N ALA A 211 27.69 -2.15 -8.80
CA ALA A 211 26.52 -1.67 -8.08
C ALA A 211 25.27 -2.37 -8.57
N TRP A 212 24.27 -2.45 -7.69
CA TRP A 212 22.93 -2.82 -8.11
C TRP A 212 22.32 -1.68 -8.90
N LEU A 213 21.53 -2.01 -9.91
CA LEU A 213 20.75 -1.02 -10.66
C LEU A 213 19.28 -1.39 -10.49
N ILE A 214 18.58 -0.61 -9.66
CA ILE A 214 17.17 -0.80 -9.37
C ILE A 214 16.37 0.17 -10.21
N VAL A 215 15.49 -0.33 -11.08
CA VAL A 215 14.76 0.55 -11.98
C VAL A 215 13.26 0.34 -11.80
N ASP A 216 12.53 1.43 -11.66
CA ASP A 216 11.10 1.40 -11.39
C ASP A 216 10.38 1.67 -12.70
N ASP A 217 9.70 0.64 -13.21
CA ASP A 217 9.08 0.66 -14.53
C ASP A 217 7.58 0.92 -14.45
N ALA A 218 7.13 1.61 -13.40
CA ALA A 218 5.70 1.87 -13.21
C ALA A 218 5.06 2.40 -14.49
N HIS A 219 5.71 3.35 -15.16
CA HIS A 219 5.11 4.00 -16.32
C HIS A 219 5.63 3.49 -17.67
N GLY A 220 6.45 2.45 -17.67
CA GLY A 220 6.92 1.85 -18.91
C GLY A 220 6.41 0.43 -19.09
N PHE A 221 6.06 -0.24 -18.00
CA PHE A 221 5.52 -1.59 -18.09
C PHE A 221 4.25 -1.60 -18.94
N GLY A 222 4.17 -2.55 -19.89
CA GLY A 222 3.02 -2.69 -20.76
C GLY A 222 3.04 -1.83 -22.01
N VAL A 223 3.81 -0.74 -22.02
CA VAL A 223 3.77 0.22 -23.11
C VAL A 223 5.11 0.37 -23.82
N LEU A 224 6.18 -0.18 -23.26
CA LEU A 224 7.49 -0.12 -23.90
C LEU A 224 8.01 -1.53 -24.17
N GLY A 225 8.78 -1.66 -25.24
CA GLY A 225 9.52 -2.88 -25.48
C GLY A 225 8.71 -3.93 -26.21
N PRO A 226 9.38 -4.99 -26.65
CA PRO A 226 8.69 -6.10 -27.33
C PRO A 226 7.60 -6.68 -26.43
N GLN A 227 6.41 -6.85 -27.01
CA GLN A 227 5.24 -7.36 -26.30
C GLN A 227 4.90 -6.56 -25.05
N GLY A 228 5.41 -5.33 -24.92
CA GLY A 228 5.12 -4.53 -23.75
C GLY A 228 5.82 -4.98 -22.48
N ARG A 229 6.92 -5.71 -22.61
CA ARG A 229 7.59 -6.24 -21.43
C ARG A 229 8.30 -5.15 -20.62
N GLY A 230 8.47 -3.95 -21.17
CA GLY A 230 8.88 -2.81 -20.38
C GLY A 230 10.18 -2.18 -20.84
N ALA A 231 10.70 -1.26 -20.01
CA ALA A 231 11.84 -0.44 -20.42
C ALA A 231 13.14 -1.23 -20.53
N ILE A 232 13.40 -2.15 -19.60
CA ILE A 232 14.58 -3.00 -19.72
C ILE A 232 14.53 -3.77 -21.02
N ALA A 233 13.37 -4.35 -21.32
CA ALA A 233 13.20 -5.10 -22.57
C ALA A 233 13.40 -4.20 -23.78
N GLN A 234 12.87 -2.97 -23.74
CA GLN A 234 13.08 -2.02 -24.83
C GLN A 234 14.57 -1.79 -25.06
N ALA A 235 15.33 -1.61 -23.99
CA ALA A 235 16.78 -1.41 -24.06
C ALA A 235 17.57 -2.68 -24.34
N ALA A 236 16.88 -3.83 -24.39
CA ALA A 236 17.51 -5.13 -24.70
C ALA A 236 18.66 -5.44 -23.76
N LEU A 237 18.47 -5.15 -22.47
CA LEU A 237 19.53 -5.31 -21.47
C LEU A 237 19.55 -6.72 -20.90
N ARG A 238 20.75 -7.18 -20.59
CA ARG A 238 20.99 -8.48 -19.97
C ARG A 238 22.04 -8.29 -18.88
N SER A 239 21.64 -8.42 -17.61
CA SER A 239 22.60 -8.29 -16.52
C SER A 239 22.02 -8.76 -15.19
N PRO A 240 22.80 -9.46 -14.37
CA PRO A 240 22.35 -9.80 -13.02
C PRO A 240 22.38 -8.61 -12.06
N ASN A 241 22.99 -7.50 -12.43
CA ASN A 241 22.97 -6.31 -11.60
C ASN A 241 21.61 -5.63 -11.59
N LEU A 242 20.73 -5.99 -12.52
CA LEU A 242 19.45 -5.34 -12.71
C LEU A 242 18.40 -5.87 -11.73
N ILE A 243 17.66 -4.97 -11.11
CA ILE A 243 16.49 -5.30 -10.31
C ILE A 243 15.32 -4.49 -10.86
N SER A 244 14.29 -5.18 -11.31
CA SER A 244 13.20 -4.57 -12.05
C SER A 244 11.97 -4.49 -11.16
N ILE A 245 11.50 -3.28 -10.92
CA ILE A 245 10.28 -3.05 -10.15
C ILE A 245 9.20 -2.53 -11.11
N GLY A 246 7.97 -2.98 -10.92
CA GLY A 246 6.88 -2.47 -11.74
C GLY A 246 5.60 -2.46 -10.94
N THR A 247 4.62 -1.74 -11.45
CA THR A 247 3.29 -1.71 -10.83
C THR A 247 2.27 -2.17 -11.86
N LEU A 248 1.13 -2.62 -11.35
CA LEU A 248 0.15 -3.31 -12.18
C LEU A 248 -1.19 -2.59 -12.16
N ASP A 249 -1.19 -1.33 -11.73
CA ASP A 249 -2.41 -0.53 -11.69
C ASP A 249 -2.43 0.58 -12.74
N LYS A 250 -1.48 0.57 -13.68
CA LYS A 250 -1.44 1.57 -14.73
C LYS A 250 -1.76 0.87 -16.04
N ALA A 251 -0.77 0.60 -16.92
CA ALA A 251 -1.06 -0.11 -18.15
C ALA A 251 -1.79 -1.44 -17.90
N ALA A 252 -1.46 -2.15 -16.83
CA ALA A 252 -2.06 -3.47 -16.64
C ALA A 252 -3.51 -3.40 -16.15
N GLY A 253 -3.96 -2.26 -15.64
CA GLY A 253 -5.38 -2.05 -15.39
C GLY A 253 -5.98 -2.75 -14.19
N VAL A 254 -5.15 -3.22 -13.25
CA VAL A 254 -5.66 -3.87 -12.04
C VAL A 254 -5.01 -3.22 -10.82
N SER A 255 -4.24 -3.98 -10.05
CA SER A 255 -3.58 -3.42 -8.87
C SER A 255 -2.36 -4.27 -8.54
N GLY A 256 -1.50 -3.75 -7.69
CA GLY A 256 -0.37 -4.50 -7.18
C GLY A 256 0.93 -4.08 -7.84
N ALA A 257 2.00 -4.81 -7.51
CA ALA A 257 3.32 -4.46 -7.99
C ALA A 257 4.22 -5.70 -7.92
N PHE A 258 5.39 -5.60 -8.56
CA PHE A 258 6.28 -6.75 -8.60
C PHE A 258 7.74 -6.31 -8.50
N VAL A 259 8.58 -7.21 -8.00
CA VAL A 259 10.03 -7.12 -8.16
C VAL A 259 10.47 -8.37 -8.92
N ALA A 260 11.25 -8.18 -9.99
CA ALA A 260 11.81 -9.30 -10.73
C ALA A 260 13.33 -9.17 -10.69
N ALA A 261 14.01 -10.28 -10.44
CA ALA A 261 15.47 -10.26 -10.39
C ALA A 261 16.00 -11.68 -10.46
N HIS A 262 17.33 -11.80 -10.39
CA HIS A 262 17.95 -13.10 -10.24
C HIS A 262 17.38 -13.79 -9.01
N GLU A 263 17.16 -15.09 -9.11
CA GLU A 263 16.51 -15.83 -8.02
C GLU A 263 17.24 -15.67 -6.69
N THR A 264 18.56 -15.50 -6.71
CA THR A 264 19.29 -15.28 -5.47
C THR A 264 18.91 -13.94 -4.86
N VAL A 265 18.70 -12.92 -5.71
CA VAL A 265 18.23 -11.62 -5.22
C VAL A 265 16.84 -11.76 -4.59
N ILE A 266 15.94 -12.46 -5.28
CA ILE A 266 14.59 -12.63 -4.77
C ILE A 266 14.60 -13.40 -3.46
N GLU A 267 15.41 -14.47 -3.37
CA GLU A 267 15.47 -15.22 -2.12
C GLU A 267 16.03 -14.37 -0.99
N TRP A 268 16.97 -13.48 -1.29
CA TRP A 268 17.48 -12.55 -0.27
C TRP A 268 16.39 -11.61 0.20
N LEU A 269 15.59 -11.07 -0.72
CA LEU A 269 14.46 -10.22 -0.32
C LEU A 269 13.51 -10.97 0.59
N VAL A 270 13.22 -12.24 0.27
CA VAL A 270 12.32 -13.03 1.10
C VAL A 270 12.88 -13.20 2.50
N GLN A 271 14.21 -13.29 2.63
CA GLN A 271 14.81 -13.56 3.94
C GLN A 271 15.15 -12.29 4.73
N ARG A 272 15.40 -11.16 4.05
CA ARG A 272 15.92 -9.99 4.73
C ARG A 272 14.97 -8.80 4.73
N ALA A 273 14.01 -8.72 3.82
CA ALA A 273 13.09 -7.59 3.82
C ALA A 273 12.18 -7.67 5.04
N ARG A 274 11.74 -6.50 5.52
CA ARG A 274 10.91 -6.43 6.70
C ARG A 274 9.71 -7.36 6.55
N PRO A 275 9.46 -8.27 7.50
CA PRO A 275 8.40 -9.28 7.31
C PRO A 275 7.01 -8.70 7.13
N TYR A 276 6.71 -7.54 7.72
CA TYR A 276 5.39 -6.96 7.55
C TYR A 276 5.14 -6.56 6.10
N ILE A 277 6.20 -6.30 5.33
CA ILE A 277 6.05 -5.92 3.93
C ILE A 277 5.36 -7.04 3.15
N PHE A 278 5.54 -8.29 3.57
CA PHE A 278 4.89 -9.43 2.97
C PHE A 278 3.52 -9.74 3.56
N THR A 279 3.14 -9.09 4.66
CA THR A 279 1.89 -9.38 5.35
C THR A 279 0.68 -8.69 4.73
N THR A 280 0.88 -7.83 3.75
CA THR A 280 -0.21 -7.16 3.04
C THR A 280 -0.31 -7.69 1.62
N ALA A 281 -1.53 -7.89 1.14
CA ALA A 281 -1.74 -8.42 -0.20
C ALA A 281 -3.11 -7.98 -0.70
N SER A 282 -3.18 -7.68 -1.99
CA SER A 282 -4.46 -7.41 -2.62
C SER A 282 -5.33 -8.67 -2.56
N VAL A 283 -6.62 -8.49 -2.82
CA VAL A 283 -7.56 -9.62 -2.82
C VAL A 283 -7.10 -10.63 -3.87
N PRO A 284 -7.31 -11.93 -3.65
CA PRO A 284 -6.87 -12.91 -4.67
C PRO A 284 -7.46 -12.67 -6.05
N ALA A 285 -8.68 -12.15 -6.13
CA ALA A 285 -9.26 -11.84 -7.43
C ALA A 285 -8.39 -10.88 -8.21
N ALA A 286 -7.71 -9.94 -7.53
CA ALA A 286 -6.84 -9.00 -8.23
C ALA A 286 -5.66 -9.73 -8.87
N ALA A 287 -5.02 -10.64 -8.15
CA ALA A 287 -3.89 -11.37 -8.71
C ALA A 287 -4.32 -12.19 -9.92
N HIS A 288 -5.47 -12.85 -9.81
CA HIS A 288 -6.01 -13.63 -10.92
C HIS A 288 -6.25 -12.75 -12.12
N ALA A 289 -6.76 -11.55 -11.90
CA ALA A 289 -7.03 -10.62 -13.00
C ALA A 289 -5.76 -10.07 -13.61
N VAL A 290 -4.67 -9.92 -12.83
CA VAL A 290 -3.40 -9.50 -13.42
C VAL A 290 -2.88 -10.58 -14.36
N SER A 291 -2.97 -11.85 -13.96
CA SER A 291 -2.57 -12.92 -14.88
C SER A 291 -3.32 -12.84 -16.20
N ALA A 292 -4.62 -12.55 -16.13
CA ALA A 292 -5.38 -12.35 -17.36
C ALA A 292 -4.89 -11.14 -18.12
N SER A 293 -4.56 -10.07 -17.40
CA SER A 293 -4.09 -8.86 -18.07
C SER A 293 -2.78 -9.11 -18.80
N LEU A 294 -1.86 -9.88 -18.19
CA LEU A 294 -0.61 -10.19 -18.86
C LEU A 294 -0.83 -10.86 -20.22
N ARG A 295 -1.85 -11.72 -20.30
CA ARG A 295 -2.10 -12.41 -21.57
C ARG A 295 -2.56 -11.43 -22.64
N ILE A 296 -3.34 -10.41 -22.26
CA ILE A 296 -3.73 -9.37 -23.21
C ILE A 296 -2.51 -8.52 -23.59
N ILE A 297 -1.82 -8.00 -22.57
CA ILE A 297 -0.68 -7.11 -22.81
C ILE A 297 0.32 -7.76 -23.75
N GLY A 298 0.62 -9.03 -23.51
CA GLY A 298 1.65 -9.69 -24.27
C GLY A 298 1.20 -10.28 -25.59
N GLY A 299 -0.10 -10.19 -25.90
CA GLY A 299 -0.67 -10.80 -27.07
C GLY A 299 -0.90 -9.81 -28.20
N GLU A 300 -1.60 -10.29 -29.23
CA GLU A 300 -1.85 -9.45 -30.39
C GLU A 300 -2.73 -8.26 -30.05
N GLU A 301 -3.63 -8.42 -29.08
CA GLU A 301 -4.42 -7.26 -28.66
C GLU A 301 -3.53 -6.20 -28.02
N GLY A 302 -2.58 -6.63 -27.19
CA GLY A 302 -1.63 -5.67 -26.62
C GLY A 302 -0.81 -4.96 -27.69
N ASP A 303 -0.33 -5.70 -28.69
CA ASP A 303 0.40 -5.09 -29.80
C ASP A 303 -0.46 -4.04 -30.49
N ALA A 304 -1.74 -4.36 -30.74
CA ALA A 304 -2.62 -3.41 -31.41
C ALA A 304 -2.88 -2.19 -30.55
N ARG A 305 -3.10 -2.38 -29.25
CA ARG A 305 -3.32 -1.23 -28.38
C ARG A 305 -2.09 -0.34 -28.34
N ARG A 306 -0.89 -0.94 -28.26
CA ARG A 306 0.32 -0.13 -28.23
C ARG A 306 0.51 0.63 -29.55
N ALA A 307 0.26 -0.02 -30.68
CA ALA A 307 0.46 0.66 -31.96
C ALA A 307 -0.48 1.85 -32.10
N HIS A 308 -1.72 1.70 -31.66
CA HIS A 308 -2.66 2.82 -31.66
C HIS A 308 -2.19 3.94 -30.74
N LEU A 309 -1.74 3.58 -29.53
CA LEU A 309 -1.22 4.59 -28.60
C LEU A 309 -0.06 5.35 -29.23
N GLN A 310 0.81 4.65 -29.97
CA GLN A 310 1.92 5.35 -30.59
C GLN A 310 1.42 6.37 -31.61
N GLN A 311 0.34 6.04 -32.33
CA GLN A 311 -0.21 6.99 -33.29
CA GLN A 311 -0.23 6.98 -33.30
C GLN A 311 -0.83 8.19 -32.58
N LEU A 312 -1.48 7.96 -31.43
CA LEU A 312 -2.01 9.07 -30.63
C LEU A 312 -0.88 9.96 -30.12
N ILE A 313 0.24 9.34 -29.70
CA ILE A 313 1.37 10.11 -29.19
C ILE A 313 1.93 10.99 -30.29
N GLY A 314 2.08 10.43 -31.49
CA GLY A 314 2.61 11.20 -32.60
C GLY A 314 1.78 12.42 -32.95
N ARG A 315 0.44 12.29 -32.89
CA ARG A 315 -0.41 13.45 -33.16
C ARG A 315 -0.34 14.45 -32.01
N THR A 316 -0.29 13.95 -30.77
CA THR A 316 -0.37 14.84 -29.61
C THR A 316 0.90 15.66 -29.45
N ARG A 317 2.07 15.06 -29.74
CA ARG A 317 3.32 15.82 -29.67
C ARG A 317 3.27 17.10 -30.51
N ALA A 318 2.76 16.99 -31.74
CA ALA A 318 2.69 18.18 -32.59
C ALA A 318 1.56 19.11 -32.17
N MET A 319 0.46 18.54 -31.69
CA MET A 319 -0.64 19.34 -31.14
C MET A 319 -0.15 20.26 -30.03
N LEU A 320 0.67 19.73 -29.12
CA LEU A 320 1.16 20.54 -28.01
C LEU A 320 2.14 21.59 -28.49
N LYS A 321 2.98 21.23 -29.47
CA LYS A 321 3.95 22.20 -30.01
CA LYS A 321 3.94 22.19 -30.01
C LYS A 321 3.25 23.38 -30.65
N ALA A 322 2.04 23.18 -31.18
CA ALA A 322 1.32 24.26 -31.86
C ALA A 322 0.75 25.29 -30.90
N THR A 323 0.63 24.96 -29.61
CA THR A 323 0.08 25.90 -28.63
C THR A 323 1.14 26.93 -28.24
N PRO A 324 0.72 28.03 -27.59
CA PRO A 324 1.71 29.03 -27.13
C PRO A 324 2.57 28.57 -25.98
N TRP A 325 2.36 27.38 -25.43
CA TRP A 325 3.04 26.92 -24.24
C TRP A 325 4.09 25.87 -24.60
N LEU A 326 4.91 25.55 -23.61
CA LEU A 326 6.09 24.72 -23.81
C LEU A 326 5.80 23.29 -23.42
N PRO A 327 5.76 22.35 -24.36
CA PRO A 327 5.60 20.93 -23.99
C PRO A 327 6.91 20.36 -23.47
N VAL A 328 6.77 19.37 -22.60
CA VAL A 328 7.90 18.49 -22.31
C VAL A 328 8.01 17.49 -23.44
N ASP A 329 9.22 17.30 -23.96
CA ASP A 329 9.43 16.49 -25.14
C ASP A 329 9.32 15.02 -24.72
N SER A 330 8.16 14.41 -24.97
CA SER A 330 7.89 13.05 -24.54
C SER A 330 7.44 12.18 -25.69
N HIS A 331 7.97 10.95 -25.75
CA HIS A 331 7.52 9.95 -26.71
C HIS A 331 6.68 8.86 -26.05
N THR A 332 6.20 9.09 -24.81
CA THR A 332 5.31 8.17 -24.12
C THR A 332 3.91 8.78 -24.00
N ALA A 333 3.01 8.01 -23.37
CA ALA A 333 1.64 8.48 -23.19
C ALA A 333 1.54 9.72 -22.30
N VAL A 334 2.58 10.01 -21.52
CA VAL A 334 2.57 11.17 -20.64
C VAL A 334 2.98 12.38 -21.47
N GLN A 335 2.07 13.34 -21.62
CA GLN A 335 2.26 14.49 -22.51
C GLN A 335 2.04 15.78 -21.72
N PRO A 336 3.07 16.28 -21.05
CA PRO A 336 2.91 17.49 -20.23
C PRO A 336 3.07 18.76 -21.05
N LEU A 337 2.33 19.77 -20.62
CA LEU A 337 2.39 21.10 -21.24
C LEU A 337 2.65 22.10 -20.13
N ILE A 338 3.84 22.70 -20.12
CA ILE A 338 4.24 23.61 -19.06
C ILE A 338 3.53 24.95 -19.24
N ILE A 339 2.83 25.40 -18.21
CA ILE A 339 2.18 26.70 -18.22
C ILE A 339 2.99 27.74 -17.45
N GLY A 340 3.43 27.38 -16.24
CA GLY A 340 4.18 28.31 -15.42
C GLY A 340 3.69 28.41 -13.99
N ALA A 341 2.78 29.34 -13.72
CA ALA A 341 2.30 29.59 -12.37
C ALA A 341 1.11 28.68 -12.05
N ASN A 342 0.79 28.58 -10.76
CA ASN A 342 -0.34 27.77 -10.33
C ASN A 342 -1.64 28.33 -10.86
N ASP A 343 -1.83 29.65 -10.71
CA ASP A 343 -3.09 30.28 -11.10
C ASP A 343 -3.35 30.12 -12.59
N ALA A 344 -2.33 30.38 -13.41
CA ALA A 344 -2.50 30.26 -14.86
C ALA A 344 -2.78 28.83 -15.27
N THR A 345 -2.19 27.85 -14.57
CA THR A 345 -2.43 26.45 -14.90
C THR A 345 -3.83 26.03 -14.52
N LEU A 346 -4.30 26.43 -13.34
CA LEU A 346 -5.67 26.07 -12.93
C LEU A 346 -6.70 26.70 -13.86
N GLU A 347 -6.45 27.93 -14.31
CA GLU A 347 -7.38 28.61 -15.20
C GLU A 347 -7.55 27.87 -16.51
N ILE A 348 -6.44 27.40 -17.09
CA ILE A 348 -6.50 26.67 -18.35
C ILE A 348 -7.18 25.31 -18.15
N ALA A 349 -6.85 24.61 -17.06
CA ALA A 349 -7.52 23.33 -16.80
C ALA A 349 -9.04 23.51 -16.65
N ALA A 350 -9.47 24.63 -16.06
CA ALA A 350 -10.90 24.87 -15.90
C ALA A 350 -11.57 25.15 -17.24
N THR A 351 -10.87 25.88 -18.12
CA THR A 351 -11.39 26.11 -19.47
C THR A 351 -11.56 24.80 -20.23
N LEU A 352 -10.61 23.88 -20.07
CA LEU A 352 -10.74 22.55 -20.66
C LEU A 352 -11.87 21.77 -20.00
N ASP A 353 -12.00 21.86 -18.67
CA ASP A 353 -13.09 21.17 -17.99
C ASP A 353 -14.46 21.68 -18.46
N ARG A 354 -14.56 22.97 -18.77
CA ARG A 354 -15.83 23.47 -19.30
C ARG A 354 -16.13 22.89 -20.66
N ALA A 355 -15.11 22.65 -21.48
CA ALA A 355 -15.24 22.00 -22.77
C ALA A 355 -15.39 20.49 -22.67
N GLY A 356 -15.57 19.93 -21.47
CA GLY A 356 -15.74 18.50 -21.33
C GLY A 356 -14.47 17.67 -21.38
N LEU A 357 -13.32 18.26 -21.05
CA LEU A 357 -12.04 17.57 -21.09
C LEU A 357 -11.39 17.68 -19.72
N TRP A 358 -11.09 16.55 -19.10
CA TRP A 358 -10.49 16.50 -17.77
C TRP A 358 -8.99 16.32 -17.94
N VAL A 359 -8.23 17.40 -17.70
CA VAL A 359 -6.78 17.38 -17.82
C VAL A 359 -6.22 17.90 -16.51
N PRO A 360 -5.46 17.10 -15.74
CA PRO A 360 -5.05 17.54 -14.40
C PRO A 360 -4.03 18.67 -14.48
N ALA A 361 -4.07 19.52 -13.45
CA ALA A 361 -3.09 20.58 -13.26
C ALA A 361 -2.13 20.13 -12.16
N ILE A 362 -0.85 19.95 -12.52
CA ILE A 362 0.17 19.49 -11.60
C ILE A 362 0.93 20.70 -11.08
N ARG A 363 1.18 20.73 -9.77
CA ARG A 363 1.75 21.89 -9.10
C ARG A 363 2.83 21.43 -8.13
N PRO A 364 3.71 22.36 -7.69
CA PRO A 364 4.75 21.96 -6.74
C PRO A 364 4.14 21.50 -5.43
N PRO A 365 4.86 20.67 -4.66
CA PRO A 365 6.23 20.20 -4.87
C PRO A 365 6.37 19.01 -5.82
N THR A 366 5.23 18.55 -6.38
CA THR A 366 5.28 17.46 -7.34
C THR A 366 6.17 17.78 -8.52
N VAL A 367 6.24 19.05 -8.90
CA VAL A 367 7.07 19.51 -10.02
C VAL A 367 7.81 20.75 -9.57
N PRO A 368 8.94 21.08 -10.23
CA PRO A 368 9.74 22.23 -9.80
C PRO A 368 8.94 23.53 -9.84
N THR A 369 9.35 24.47 -8.99
CA THR A 369 8.70 25.78 -8.95
C THR A 369 8.78 26.45 -10.30
N GLY A 370 7.68 27.07 -10.72
CA GLY A 370 7.62 27.73 -12.00
C GLY A 370 7.38 26.83 -13.19
N THR A 371 7.10 25.54 -12.96
CA THR A 371 6.82 24.61 -14.04
C THR A 371 5.47 23.92 -13.83
N SER A 372 4.52 24.59 -13.19
CA SER A 372 3.17 24.05 -13.12
C SER A 372 2.68 23.75 -14.52
N ARG A 373 1.90 22.68 -14.65
CA ARG A 373 1.72 22.11 -15.99
C ARG A 373 0.41 21.33 -16.05
N LEU A 374 -0.16 21.27 -17.25
CA LEU A 374 -1.14 20.25 -17.57
C LEU A 374 -0.43 18.93 -17.78
N ARG A 375 -1.02 17.85 -17.27
CA ARG A 375 -0.53 16.50 -17.52
C ARG A 375 -1.57 15.77 -18.35
N ILE A 376 -1.41 15.79 -19.67
CA ILE A 376 -2.30 15.05 -20.55
C ILE A 376 -1.81 13.61 -20.59
N SER A 377 -2.66 12.67 -20.14
CA SER A 377 -2.26 11.27 -20.13
C SER A 377 -3.06 10.52 -21.19
N LEU A 378 -2.39 10.07 -22.24
CA LEU A 378 -3.07 9.36 -23.32
C LEU A 378 -3.31 7.89 -22.95
N SER A 379 -4.32 7.31 -23.58
CA SER A 379 -4.69 5.91 -23.40
C SER A 379 -4.99 5.28 -24.76
N ALA A 380 -4.65 4.00 -24.91
CA ALA A 380 -5.10 3.28 -26.10
C ALA A 380 -6.62 3.27 -26.26
N ALA A 381 -7.38 3.60 -25.21
CA ALA A 381 -8.84 3.70 -25.30
C ALA A 381 -9.30 4.99 -25.97
N HIS A 382 -8.44 6.01 -26.05
CA HIS A 382 -8.79 7.25 -26.73
C HIS A 382 -8.84 7.01 -28.24
N SER A 383 -9.73 7.74 -28.90
CA SER A 383 -9.87 7.69 -30.34
C SER A 383 -9.31 8.96 -30.96
N GLN A 384 -9.17 8.95 -32.29
CA GLN A 384 -8.79 10.19 -32.96
C GLN A 384 -9.86 11.26 -32.77
N ALA A 385 -11.14 10.88 -32.68
CA ALA A 385 -12.18 11.84 -32.37
C ALA A 385 -11.97 12.48 -31.00
N ASP A 386 -11.49 11.70 -30.03
CA ASP A 386 -11.15 12.28 -28.73
C ASP A 386 -10.03 13.32 -28.84
N LEU A 387 -8.99 13.01 -29.61
CA LEU A 387 -7.94 14.00 -29.82
C LEU A 387 -8.44 15.20 -30.61
N ASP A 388 -9.38 14.99 -31.56
CA ASP A 388 -10.03 16.12 -32.21
C ASP A 388 -10.58 17.11 -31.18
N ARG A 389 -11.25 16.60 -30.14
CA ARG A 389 -11.84 17.50 -29.16
C ARG A 389 -10.79 18.13 -28.25
N LEU A 390 -9.78 17.36 -27.84
CA LEU A 390 -8.68 17.93 -27.08
C LEU A 390 -8.01 19.07 -27.84
N GLU A 391 -7.77 18.85 -29.14
CA GLU A 391 -7.16 19.88 -29.97
C GLU A 391 -8.01 21.14 -30.04
N ALA A 392 -9.33 20.98 -30.24
CA ALA A 392 -10.21 22.14 -30.26
C ALA A 392 -10.17 22.86 -28.93
N GLY A 393 -10.16 22.11 -27.82
CA GLY A 393 -10.05 22.73 -26.51
C GLY A 393 -8.77 23.52 -26.34
N LEU A 394 -7.64 22.95 -26.82
CA LEU A 394 -6.37 23.64 -26.73
C LEU A 394 -6.33 24.85 -27.66
N GLN A 395 -6.79 24.68 -28.91
CA GLN A 395 -6.80 25.78 -29.85
C GLN A 395 -7.64 26.95 -29.36
N GLN A 396 -8.72 26.68 -28.63
CA GLN A 396 -9.55 27.77 -28.12
C GLN A 396 -8.88 28.48 -26.95
N LEU A 397 -8.07 27.78 -26.17
CA LEU A 397 -7.40 28.37 -25.03
C LEU A 397 -6.28 29.29 -25.48
N LEU B 11 26.96 -8.53 -7.42
CA LEU B 11 27.54 -9.28 -6.31
C LEU B 11 26.57 -10.33 -5.78
N LEU B 12 26.22 -11.29 -6.63
CA LEU B 12 25.33 -12.38 -6.21
C LEU B 12 26.00 -13.26 -5.17
N ASP B 13 27.32 -13.47 -5.31
CA ASP B 13 28.02 -14.38 -4.41
C ASP B 13 27.91 -13.92 -2.96
N THR B 14 27.95 -12.61 -2.72
CA THR B 14 27.77 -12.10 -1.37
C THR B 14 26.41 -12.49 -0.81
N LEU B 15 25.35 -12.38 -1.61
CA LEU B 15 24.01 -12.72 -1.13
C LEU B 15 23.89 -14.21 -0.86
N ALA B 16 24.46 -15.04 -1.74
CA ALA B 16 24.38 -16.48 -1.52
C ALA B 16 25.15 -16.89 -0.27
N GLU B 17 26.28 -16.21 -0.01
CA GLU B 17 27.00 -16.47 1.24
C GLU B 17 26.17 -16.01 2.44
N GLY B 18 25.44 -14.91 2.29
CA GLY B 18 24.56 -14.47 3.36
C GLY B 18 23.41 -15.43 3.60
N LEU B 19 22.82 -15.95 2.51
CA LEU B 19 21.76 -16.95 2.66
C LEU B 19 22.28 -18.21 3.36
N LYS B 20 23.55 -18.55 3.18
CA LYS B 20 24.11 -19.72 3.84
C LYS B 20 24.31 -19.48 5.33
N GLU B 21 24.84 -18.31 5.70
CA GLU B 21 24.94 -17.96 7.11
C GLU B 21 23.57 -17.84 7.75
N ILE B 22 22.56 -17.41 6.98
CA ILE B 22 21.22 -17.29 7.51
C ILE B 22 20.64 -18.66 7.84
N ASP B 23 20.91 -19.66 6.99
CA ASP B 23 20.48 -21.01 7.30
C ASP B 23 21.22 -21.58 8.50
N ALA B 24 22.33 -20.97 8.88
CA ALA B 24 23.06 -21.33 10.10
C ALA B 24 22.82 -20.28 11.18
N ALA B 39 -8.96 -19.82 5.52
CA ALA B 39 -9.94 -20.81 5.95
C ALA B 39 -9.39 -21.58 7.15
N ALA B 40 -10.28 -22.17 7.95
CA ALA B 40 -9.82 -22.85 9.14
C ALA B 40 -9.33 -24.26 8.85
N HIS B 41 -9.86 -24.92 7.82
CA HIS B 41 -9.42 -26.24 7.39
C HIS B 41 -8.77 -26.15 6.02
N MET B 42 -7.64 -26.81 5.86
CA MET B 42 -6.90 -26.72 4.59
C MET B 42 -6.15 -28.02 4.34
N THR B 43 -5.55 -28.11 3.16
CA THR B 43 -4.71 -29.23 2.76
C THR B 43 -3.30 -28.72 2.50
N VAL B 44 -2.32 -29.27 3.22
CA VAL B 44 -0.91 -29.03 2.96
C VAL B 44 -0.26 -30.38 2.68
N ASP B 45 0.48 -30.47 1.58
CA ASP B 45 0.86 -31.75 0.98
C ASP B 45 -0.44 -32.48 0.67
N GLY B 46 -0.68 -33.67 1.21
CA GLY B 46 -1.95 -34.33 1.02
C GLY B 46 -2.69 -34.53 2.33
N ARG B 47 -2.26 -33.79 3.36
CA ARG B 47 -2.77 -33.96 4.70
C ARG B 47 -3.71 -32.81 5.06
N ALA B 48 -4.78 -33.15 5.77
CA ALA B 48 -5.71 -32.15 6.27
C ALA B 48 -5.10 -31.45 7.49
N ILE B 49 -5.16 -30.12 7.48
CA ILE B 49 -4.61 -29.30 8.55
C ILE B 49 -5.74 -28.41 9.08
N ILE B 50 -5.74 -28.15 10.39
CA ILE B 50 -6.51 -27.06 10.97
C ILE B 50 -5.56 -25.90 11.18
N GLY B 51 -5.87 -24.76 10.56
CA GLY B 51 -5.00 -23.59 10.63
C GLY B 51 -5.41 -22.66 11.75
N PHE B 52 -4.41 -22.19 12.51
CA PHE B 52 -4.55 -21.14 13.50
C PHE B 52 -3.61 -19.98 13.18
N ALA B 53 -3.43 -19.71 11.87
CA ALA B 53 -2.44 -18.73 11.43
C ALA B 53 -3.02 -17.45 10.84
N SER B 54 -4.26 -17.48 10.35
CA SER B 54 -4.82 -16.34 9.64
C SER B 54 -5.40 -15.32 10.62
N ASN B 55 -5.65 -14.11 10.13
CA ASN B 55 -6.33 -13.11 10.95
C ASN B 55 -7.74 -12.86 10.44
N ASP B 56 -8.37 -13.90 9.88
CA ASP B 56 -9.74 -13.83 9.39
C ASP B 56 -10.70 -14.06 10.56
N TYR B 57 -10.71 -13.07 11.48
CA TYR B 57 -11.25 -13.33 12.83
C TYR B 57 -12.74 -13.65 12.82
N LEU B 58 -13.50 -13.11 11.87
CA LEU B 58 -14.94 -13.35 11.82
C LEU B 58 -15.33 -14.38 10.75
N GLY B 59 -14.34 -15.01 10.11
CA GLY B 59 -14.64 -15.99 9.07
C GLY B 59 -15.27 -15.41 7.82
N LEU B 60 -14.99 -14.14 7.50
CA LEU B 60 -15.71 -13.49 6.40
C LEU B 60 -14.98 -13.56 5.05
N ALA B 61 -13.69 -13.92 5.04
CA ALA B 61 -12.88 -13.82 3.81
C ALA B 61 -13.45 -14.60 2.64
N ALA B 62 -14.17 -15.69 2.90
CA ALA B 62 -14.75 -16.47 1.80
C ALA B 62 -16.27 -16.49 1.86
N HIS B 63 -16.86 -15.50 2.53
CA HIS B 63 -18.32 -15.45 2.68
C HIS B 63 -18.98 -15.20 1.33
N PRO B 64 -20.03 -15.95 0.97
CA PRO B 64 -20.61 -15.79 -0.37
C PRO B 64 -21.13 -14.39 -0.66
N GLN B 65 -21.62 -13.65 0.35
CA GLN B 65 -22.05 -12.28 0.07
C GLN B 65 -20.89 -11.39 -0.35
N LEU B 66 -19.70 -11.61 0.20
CA LEU B 66 -18.57 -10.78 -0.17
C LEU B 66 -18.00 -11.19 -1.52
N ILE B 67 -18.00 -12.50 -1.81
CA ILE B 67 -17.63 -12.94 -3.16
C ILE B 67 -18.56 -12.33 -4.18
N ALA B 68 -19.87 -12.35 -3.89
CA ALA B 68 -20.84 -11.78 -4.81
C ALA B 68 -20.61 -10.29 -4.99
N ALA B 69 -20.26 -9.59 -3.91
CA ALA B 69 -20.02 -8.15 -3.99
C ALA B 69 -18.77 -7.83 -4.81
N ILE B 70 -17.74 -8.67 -4.71
CA ILE B 70 -16.57 -8.48 -5.57
C ILE B 70 -16.97 -8.57 -7.04
N ALA B 71 -17.74 -9.60 -7.39
CA ALA B 71 -18.11 -9.77 -8.78
C ALA B 71 -18.98 -8.63 -9.27
N GLU B 72 -19.96 -8.24 -8.45
CA GLU B 72 -20.87 -7.15 -8.80
C GLU B 72 -20.14 -5.82 -8.87
N GLY B 73 -19.21 -5.59 -7.94
CA GLY B 73 -18.45 -4.36 -7.95
C GLY B 73 -17.60 -4.21 -9.19
N ALA B 74 -17.04 -5.32 -9.67
CA ALA B 74 -16.24 -5.24 -10.89
C ALA B 74 -17.12 -4.94 -12.11
N GLN B 75 -18.33 -5.52 -12.15
CA GLN B 75 -19.24 -5.25 -13.27
C GLN B 75 -19.60 -3.78 -13.32
N ARG B 76 -19.84 -3.18 -12.16
CA ARG B 76 -20.36 -1.82 -12.08
C ARG B 76 -19.26 -0.77 -12.18
N TYR B 77 -18.10 -1.02 -11.56
CA TYR B 77 -17.07 -0.01 -11.44
C TYR B 77 -15.77 -0.34 -12.18
N GLY B 78 -15.68 -1.48 -12.86
CA GLY B 78 -14.49 -1.83 -13.60
C GLY B 78 -13.56 -2.71 -12.80
N ALA B 79 -12.49 -3.18 -13.47
CA ALA B 79 -11.52 -4.04 -12.80
C ALA B 79 -10.49 -3.23 -12.02
N GLY B 80 -10.04 -2.10 -12.56
CA GLY B 80 -9.03 -1.31 -11.90
C GLY B 80 -9.43 0.15 -11.78
N SER B 81 -8.72 0.86 -10.90
CA SER B 81 -8.96 2.29 -10.69
C SER B 81 -8.13 3.19 -11.59
N GLY B 82 -7.14 2.65 -12.30
CA GLY B 82 -6.41 3.42 -13.29
C GLY B 82 -5.28 4.27 -12.75
N GLY B 83 -5.00 4.20 -11.45
CA GLY B 83 -4.15 5.19 -10.81
C GLY B 83 -4.99 6.34 -10.26
N SER B 84 -4.78 6.69 -9.00
CA SER B 84 -5.57 7.74 -8.34
C SER B 84 -4.70 8.77 -7.66
N GLY B 88 -7.74 9.71 -12.63
CA GLY B 88 -8.90 9.76 -11.77
C GLY B 88 -9.42 8.39 -11.37
N GLY B 89 -8.96 7.93 -10.21
CA GLY B 89 -9.31 6.62 -9.70
C GLY B 89 -10.26 6.59 -8.51
N HIS B 90 -10.85 7.72 -8.13
CA HIS B 90 -11.79 7.75 -7.02
C HIS B 90 -13.15 7.31 -7.56
N SER B 91 -13.49 6.05 -7.33
CA SER B 91 -14.75 5.54 -7.84
C SER B 91 -15.87 5.86 -6.87
N ARG B 92 -17.11 5.81 -7.36
CA ARG B 92 -18.25 5.91 -6.46
C ARG B 92 -18.20 4.85 -5.36
N ALA B 93 -17.61 3.69 -5.67
CA ALA B 93 -17.48 2.65 -4.64
C ALA B 93 -16.61 3.13 -3.48
N HIS B 94 -15.55 3.88 -3.78
CA HIS B 94 -14.67 4.40 -2.72
C HIS B 94 -15.37 5.50 -1.92
N ALA B 95 -16.07 6.41 -2.60
CA ALA B 95 -16.76 7.49 -1.89
C ALA B 95 -17.83 6.95 -0.96
N GLN B 96 -18.63 5.98 -1.45
CA GLN B 96 -19.64 5.35 -0.62
C GLN B 96 -19.01 4.67 0.59
N LEU B 97 -17.91 3.96 0.39
CA LEU B 97 -17.26 3.28 1.51
C LEU B 97 -16.77 4.27 2.55
N GLU B 98 -16.23 5.41 2.10
CA GLU B 98 -15.78 6.41 3.07
C GLU B 98 -16.93 6.94 3.89
N ASP B 99 -18.11 7.12 3.28
CA ASP B 99 -19.29 7.50 4.04
C ASP B 99 -19.70 6.39 5.01
N ASP B 100 -19.69 5.15 4.53
CA ASP B 100 -20.06 4.01 5.37
C ASP B 100 -19.11 3.87 6.56
N LEU B 101 -17.82 4.06 6.32
CA LEU B 101 -16.85 3.91 7.41
C LEU B 101 -17.02 5.01 8.44
N ALA B 102 -17.28 6.24 7.98
CA ALA B 102 -17.44 7.33 8.93
C ALA B 102 -18.66 7.10 9.82
N GLU B 103 -19.75 6.58 9.26
CA GLU B 103 -20.93 6.25 10.07
C GLU B 103 -20.62 5.13 11.06
N PHE B 104 -19.83 4.15 10.64
CA PHE B 104 -19.66 2.96 11.47
C PHE B 104 -18.66 3.21 12.60
N VAL B 105 -17.50 3.79 12.29
CA VAL B 105 -16.42 3.90 13.28
C VAL B 105 -16.20 5.33 13.79
N GLY B 106 -16.92 6.32 13.27
CA GLY B 106 -16.62 7.70 13.61
C GLY B 106 -17.39 8.28 14.78
N GLY B 107 -17.97 7.43 15.63
CA GLY B 107 -18.81 7.93 16.71
C GLY B 107 -18.10 8.76 17.75
N PHE B 108 -16.76 8.75 17.74
CA PHE B 108 -15.97 9.45 18.76
C PHE B 108 -15.83 10.94 18.50
N VAL B 109 -16.24 11.44 17.34
CA VAL B 109 -16.17 12.86 17.08
C VAL B 109 -17.36 13.27 16.21
N GLU B 110 -17.98 14.40 16.53
CA GLU B 110 -19.07 14.89 15.70
C GLU B 110 -18.54 15.27 14.32
N ASN B 111 -19.35 15.00 13.29
CA ASN B 111 -19.01 15.32 11.89
C ASN B 111 -17.74 14.60 11.43
N ALA B 112 -17.59 13.34 11.82
CA ALA B 112 -16.42 12.56 11.43
C ALA B 112 -16.39 12.33 9.92
N ARG B 113 -15.16 12.26 9.38
CA ARG B 113 -14.94 11.80 8.01
C ARG B 113 -14.00 10.62 8.04
N ALA B 114 -13.95 9.89 6.93
CA ALA B 114 -13.04 8.76 6.78
C ALA B 114 -12.39 8.81 5.39
N LEU B 115 -11.18 8.28 5.31
CA LEU B 115 -10.42 8.16 4.08
C LEU B 115 -10.02 6.72 3.86
N TYR B 116 -10.19 6.20 2.65
CA TYR B 116 -9.85 4.81 2.33
C TYR B 116 -8.47 4.75 1.68
N PHE B 117 -7.60 3.92 2.23
CA PHE B 117 -6.26 3.70 1.67
C PHE B 117 -6.11 2.25 1.25
N SER B 118 -5.11 2.00 0.40
CA SER B 118 -4.90 0.65 -0.11
CA SER B 118 -4.91 0.64 -0.11
C SER B 118 -4.32 -0.29 0.93
N THR B 119 -3.49 0.23 1.84
CA THR B 119 -2.83 -0.57 2.88
C THR B 119 -2.82 0.18 4.20
N GLY B 120 -2.75 -0.59 5.29
CA GLY B 120 -2.58 -0.01 6.59
C GLY B 120 -1.28 0.78 6.74
N TYR B 121 -0.22 0.34 6.06
CA TYR B 121 1.02 1.11 6.10
C TYR B 121 0.82 2.48 5.47
N MET B 122 0.10 2.54 4.33
CA MET B 122 -0.13 3.83 3.68
C MET B 122 -1.00 4.73 4.56
N ALA B 123 -2.01 4.17 5.21
CA ALA B 123 -2.85 4.97 6.09
C ALA B 123 -2.02 5.60 7.21
N ASN B 124 -1.17 4.81 7.84
CA ASN B 124 -0.29 5.34 8.88
C ASN B 124 0.66 6.39 8.34
N LEU B 125 1.27 6.13 7.18
CA LEU B 125 2.27 7.06 6.65
C LEU B 125 1.64 8.39 6.26
N ALA B 126 0.48 8.35 5.58
CA ALA B 126 -0.21 9.58 5.23
C ALA B 126 -0.56 10.38 6.48
N THR B 127 -1.07 9.72 7.52
CA THR B 127 -1.48 10.42 8.73
C THR B 127 -0.27 11.05 9.41
N LEU B 128 0.78 10.26 9.62
CA LEU B 128 1.92 10.74 10.40
C LEU B 128 2.72 11.78 9.62
N THR B 129 2.90 11.61 8.30
CA THR B 129 3.63 12.63 7.55
C THR B 129 2.83 13.92 7.45
N ALA B 130 1.49 13.84 7.43
CA ALA B 130 0.69 15.05 7.31
C ALA B 130 0.71 15.86 8.60
N LEU B 131 0.67 15.18 9.74
CA LEU B 131 0.50 15.84 11.02
C LEU B 131 1.80 16.08 11.77
N ALA B 132 2.84 15.31 11.48
CA ALA B 132 4.10 15.40 12.20
C ALA B 132 5.21 15.83 11.26
N GLY B 133 6.27 16.38 11.84
CA GLY B 133 7.43 16.72 11.07
C GLY B 133 8.59 17.06 11.99
N ARG B 134 9.58 17.77 11.45
CA ARG B 134 10.62 18.30 12.31
C ARG B 134 10.00 19.24 13.32
N GLY B 135 10.50 19.17 14.55
CA GLY B 135 9.90 19.90 15.65
C GLY B 135 8.79 19.16 16.36
N THR B 136 8.20 18.16 15.73
CA THR B 136 7.25 17.29 16.39
C THR B 136 7.98 16.26 17.22
N THR B 137 7.47 15.98 18.42
CA THR B 137 7.89 14.82 19.19
C THR B 137 6.78 13.80 19.18
N LEU B 138 7.11 12.57 18.77
CA LEU B 138 6.14 11.50 18.63
C LEU B 138 6.47 10.45 19.69
N PHE B 139 5.44 10.04 20.44
CA PHE B 139 5.61 9.07 21.53
C PHE B 139 4.94 7.76 21.10
N SER B 140 5.74 6.69 21.02
CA SER B 140 5.32 5.44 20.40
C SER B 140 5.47 4.30 21.41
N ASP B 141 4.41 3.49 21.54
CA ASP B 141 4.48 2.31 22.41
C ASP B 141 5.58 1.37 21.93
N ALA B 142 6.37 0.86 22.88
CA ALA B 142 7.52 0.03 22.53
C ALA B 142 7.14 -1.20 21.70
N LEU B 143 5.91 -1.72 21.82
CA LEU B 143 5.52 -2.92 21.08
C LEU B 143 4.64 -2.61 19.87
N ASN B 144 4.60 -1.35 19.43
CA ASN B 144 3.86 -1.01 18.23
C ASN B 144 4.36 -1.82 17.04
N HIS B 145 3.44 -2.15 16.15
CA HIS B 145 3.75 -2.85 14.89
CA HIS B 145 3.88 -2.93 15.01
C HIS B 145 4.83 -2.10 14.13
N ALA B 146 5.71 -2.84 13.46
CA ALA B 146 6.86 -2.23 12.80
C ALA B 146 6.47 -1.20 11.74
N SER B 147 5.30 -1.36 11.11
CA SER B 147 4.88 -0.38 10.12
C SER B 147 4.62 1.00 10.74
N LEU B 148 4.09 1.04 11.97
CA LEU B 148 3.91 2.31 12.65
C LEU B 148 5.24 2.97 12.95
N ILE B 149 6.22 2.16 13.40
CA ILE B 149 7.51 2.73 13.78
C ILE B 149 8.22 3.27 12.55
N ASP B 150 8.13 2.57 11.42
CA ASP B 150 8.78 3.05 10.20
C ASP B 150 8.08 4.31 9.66
N GLY B 151 6.74 4.35 9.70
CA GLY B 151 6.07 5.58 9.35
C GLY B 151 6.51 6.74 10.23
N ALA B 152 6.68 6.48 11.53
CA ALA B 152 7.13 7.52 12.45
C ALA B 152 8.53 7.99 12.10
N ARG B 153 9.44 7.05 11.79
CA ARG B 153 10.78 7.43 11.37
C ARG B 153 10.73 8.28 10.10
N LEU B 154 9.90 7.88 9.13
CA LEU B 154 9.82 8.62 7.86
C LEU B 154 9.25 10.02 8.05
N SER B 155 8.41 10.22 9.07
CA SER B 155 7.76 11.51 9.25
C SER B 155 8.73 12.60 9.62
N ARG B 156 9.94 12.24 10.07
CA ARG B 156 11.04 13.11 10.49
C ARG B 156 10.82 13.66 11.90
N ALA B 157 9.76 13.27 12.59
CA ALA B 157 9.57 13.66 13.98
C ALA B 157 10.68 13.06 14.86
N ASP B 158 10.81 13.62 16.06
CA ASP B 158 11.65 13.03 17.10
C ASP B 158 10.87 11.88 17.72
N VAL B 159 11.33 10.64 17.53
CA VAL B 159 10.57 9.46 17.93
C VAL B 159 11.05 9.00 19.31
N GLN B 160 10.15 9.11 20.30
CA GLN B 160 10.40 8.72 21.68
C GLN B 160 9.58 7.48 22.01
N ILE B 161 10.25 6.45 22.52
CA ILE B 161 9.61 5.15 22.77
C ILE B 161 9.20 5.09 24.23
N TYR B 162 7.86 4.91 24.49
CA TYR B 162 7.51 4.71 25.89
C TYR B 162 7.32 3.23 26.18
N PRO B 163 7.60 2.78 27.41
CA PRO B 163 7.49 1.35 27.71
C PRO B 163 6.05 0.88 27.51
N HIS B 164 5.91 -0.39 27.13
CA HIS B 164 4.64 -0.94 26.71
C HIS B 164 3.54 -0.64 27.73
N CYS B 165 2.52 0.09 27.25
CA CYS B 165 1.31 0.44 27.99
C CYS B 165 1.61 1.16 29.31
N ASP B 166 2.79 1.75 29.44
CA ASP B 166 3.22 2.33 30.71
C ASP B 166 2.86 3.80 30.69
N THR B 167 1.65 4.12 31.12
CA THR B 167 1.20 5.51 31.05
C THR B 167 1.84 6.39 32.12
N ASP B 168 2.33 5.81 33.21
CA ASP B 168 3.08 6.60 34.19
C ASP B 168 4.37 7.13 33.58
N ALA B 169 5.11 6.25 32.88
CA ALA B 169 6.33 6.69 32.22
C ALA B 169 6.01 7.67 31.10
N LEU B 170 4.97 7.38 30.31
CA LEU B 170 4.59 8.28 29.24
C LEU B 170 4.21 9.66 29.78
N SER B 171 3.45 9.70 30.87
CA SER B 171 3.10 11.00 31.45
C SER B 171 4.34 11.82 31.78
N ALA B 172 5.37 11.18 32.36
CA ALA B 172 6.57 11.94 32.71
C ALA B 172 7.35 12.35 31.47
N MET B 173 7.36 11.51 30.43
CA MET B 173 8.02 11.85 29.18
C MET B 173 7.30 13.00 28.48
N LEU B 174 5.97 13.03 28.54
CA LEU B 174 5.24 14.16 27.96
C LEU B 174 5.57 15.46 28.68
N GLU B 175 5.59 15.43 30.01
CA GLU B 175 5.89 16.64 30.78
C GLU B 175 7.32 17.11 30.56
N ALA B 176 8.22 16.23 30.11
CA ALA B 176 9.60 16.63 29.85
C ALA B 176 9.80 17.29 28.50
N SER B 177 8.79 17.27 27.62
CA SER B 177 8.92 17.75 26.25
C SER B 177 8.31 19.13 26.09
N ASP B 178 9.04 20.04 25.45
CA ASP B 178 8.52 21.37 25.15
C ASP B 178 8.03 21.50 23.70
N ALA B 179 7.81 20.38 23.02
CA ALA B 179 7.48 20.44 21.61
C ALA B 179 6.12 21.09 21.38
N ASP B 180 6.04 21.96 20.37
CA ASP B 180 4.75 22.56 20.04
C ASP B 180 3.76 21.54 19.49
N VAL B 181 4.25 20.54 18.77
CA VAL B 181 3.39 19.48 18.23
C VAL B 181 3.81 18.18 18.86
N LYS B 182 2.87 17.52 19.54
CA LYS B 182 3.07 16.23 20.16
C LYS B 182 2.09 15.23 19.58
N VAL B 183 2.56 14.01 19.34
CA VAL B 183 1.73 12.92 18.80
C VAL B 183 1.99 11.68 19.66
N ILE B 184 0.92 11.02 20.10
CA ILE B 184 1.01 9.72 20.76
C ILE B 184 0.46 8.67 19.81
N VAL B 185 1.20 7.57 19.62
CA VAL B 185 0.82 6.54 18.64
C VAL B 185 0.83 5.18 19.32
N SER B 186 -0.28 4.44 19.21
CA SER B 186 -0.35 3.11 19.80
C SER B 186 -1.25 2.19 18.99
N ASP B 187 -0.86 0.92 18.84
CA ASP B 187 -1.86 -0.07 18.48
C ASP B 187 -2.94 -0.14 19.54
N THR B 188 -4.15 -0.55 19.14
CA THR B 188 -5.16 -0.81 20.15
C THR B 188 -5.03 -2.24 20.69
N VAL B 189 -4.99 -3.22 19.79
CA VAL B 189 -4.73 -4.61 20.13
C VAL B 189 -3.36 -4.94 19.56
N PHE B 190 -2.45 -5.37 20.41
CA PHE B 190 -1.07 -5.56 19.96
C PHE B 190 -0.96 -6.89 19.23
N SER B 191 -0.38 -6.84 18.03
CA SER B 191 -0.58 -7.89 17.04
C SER B 191 0.06 -9.21 17.44
N MET B 192 1.13 -9.17 18.25
CA MET B 192 1.83 -10.37 18.67
C MET B 192 1.59 -10.70 20.13
N ASP B 193 0.78 -9.90 20.83
CA ASP B 193 0.54 -10.07 22.25
C ASP B 193 -0.93 -10.25 22.60
N GLY B 194 -1.84 -9.53 21.93
CA GLY B 194 -3.25 -9.69 22.16
C GLY B 194 -3.82 -8.79 23.23
N ASP B 195 -2.98 -8.05 23.96
CA ASP B 195 -3.50 -7.18 24.98
C ASP B 195 -4.01 -5.88 24.35
N ILE B 196 -4.81 -5.14 25.13
CA ILE B 196 -5.49 -3.93 24.68
C ILE B 196 -4.86 -2.73 25.34
N ALA B 197 -4.51 -1.71 24.54
CA ALA B 197 -3.91 -0.49 25.03
C ALA B 197 -4.83 0.23 26.02
N PRO B 198 -4.27 0.98 26.97
CA PRO B 198 -5.05 1.74 27.97
C PRO B 198 -5.56 3.05 27.39
N LEU B 199 -6.48 2.93 26.44
CA LEU B 199 -6.95 4.09 25.70
C LEU B 199 -7.56 5.19 26.57
N PRO B 200 -8.36 4.91 27.61
CA PRO B 200 -8.89 6.04 28.40
C PRO B 200 -7.79 6.88 29.01
N ARG B 201 -6.74 6.27 29.58
CA ARG B 201 -5.67 7.06 30.17
C ARG B 201 -4.79 7.71 29.12
N LEU B 202 -4.54 7.01 28.00
CA LEU B 202 -3.81 7.63 26.90
C LEU B 202 -4.52 8.88 26.41
N LEU B 203 -5.85 8.81 26.29
CA LEU B 203 -6.61 9.98 25.85
C LEU B 203 -6.57 11.10 26.88
N GLU B 204 -6.67 10.78 28.17
CA GLU B 204 -6.54 11.81 29.19
C GLU B 204 -5.22 12.56 28.99
N LEU B 205 -4.13 11.82 28.79
CA LEU B 205 -2.82 12.44 28.60
C LEU B 205 -2.77 13.26 27.31
N ALA B 206 -3.32 12.73 26.22
CA ALA B 206 -3.35 13.46 24.96
C ALA B 206 -4.08 14.79 25.11
N GLU B 207 -5.25 14.78 25.74
CA GLU B 207 -5.99 16.03 25.89
C GLU B 207 -5.25 17.01 26.79
N GLN B 208 -4.66 16.50 27.88
CA GLN B 208 -3.92 17.36 28.79
C GLN B 208 -2.76 18.05 28.08
N HIS B 209 -2.07 17.33 27.21
CA HIS B 209 -0.84 17.83 26.59
C HIS B 209 -1.05 18.40 25.19
N GLY B 210 -2.29 18.45 24.71
CA GLY B 210 -2.54 18.96 23.38
C GLY B 210 -1.93 18.12 22.28
N ALA B 211 -1.93 16.80 22.44
CA ALA B 211 -1.32 15.89 21.48
C ALA B 211 -2.39 15.14 20.69
N TRP B 212 -2.07 14.85 19.43
CA TRP B 212 -2.89 13.89 18.68
C TRP B 212 -2.72 12.51 19.29
N LEU B 213 -3.81 11.74 19.36
CA LEU B 213 -3.74 10.34 19.78
C LEU B 213 -4.14 9.48 18.58
N ILE B 214 -3.14 8.90 17.92
CA ILE B 214 -3.35 8.10 16.70
C ILE B 214 -3.31 6.63 17.12
N VAL B 215 -4.42 5.91 16.94
CA VAL B 215 -4.48 4.53 17.41
C VAL B 215 -4.86 3.61 16.26
N ASP B 216 -4.14 2.49 16.15
CA ASP B 216 -4.26 1.59 15.02
C ASP B 216 -5.04 0.36 15.47
N ASP B 217 -6.26 0.22 14.94
CA ASP B 217 -7.24 -0.77 15.37
C ASP B 217 -7.26 -2.00 14.45
N ALA B 218 -6.12 -2.29 13.81
CA ALA B 218 -6.02 -3.44 12.90
C ALA B 218 -6.64 -4.70 13.50
N HIS B 219 -6.32 -4.99 14.77
CA HIS B 219 -6.72 -6.25 15.38
C HIS B 219 -7.89 -6.10 16.34
N GLY B 220 -8.46 -4.90 16.44
CA GLY B 220 -9.66 -4.69 17.23
C GLY B 220 -10.89 -4.39 16.40
N PHE B 221 -10.71 -3.82 15.21
CA PHE B 221 -11.84 -3.54 14.34
C PHE B 221 -12.63 -4.82 14.03
N GLY B 222 -13.96 -4.74 14.17
CA GLY B 222 -14.84 -5.86 13.91
C GLY B 222 -15.00 -6.83 15.06
N VAL B 223 -14.10 -6.82 16.04
CA VAL B 223 -14.12 -7.82 17.11
C VAL B 223 -14.25 -7.22 18.49
N LEU B 224 -14.10 -5.91 18.64
CA LEU B 224 -14.23 -5.22 19.92
C LEU B 224 -15.35 -4.19 19.85
N GLY B 225 -15.99 -3.94 20.99
CA GLY B 225 -16.91 -2.83 21.12
C GLY B 225 -18.30 -3.12 20.61
N PRO B 226 -19.25 -2.23 20.89
CA PRO B 226 -20.62 -2.43 20.40
C PRO B 226 -20.64 -2.55 18.89
N GLN B 227 -21.32 -3.60 18.41
CA GLN B 227 -21.47 -3.90 16.99
C GLN B 227 -20.13 -4.12 16.29
N GLY B 228 -19.07 -4.40 17.05
CA GLY B 228 -17.72 -4.56 16.48
C GLY B 228 -17.12 -3.27 15.96
N ARG B 229 -17.53 -2.13 16.49
CA ARG B 229 -17.04 -0.86 15.96
C ARG B 229 -15.57 -0.60 16.29
N GLY B 230 -15.01 -1.32 17.27
CA GLY B 230 -13.57 -1.28 17.53
C GLY B 230 -13.24 -0.80 18.92
N ALA B 231 -11.93 -0.60 19.15
CA ALA B 231 -11.43 -0.40 20.51
C ALA B 231 -11.85 0.95 21.08
N ILE B 232 -11.86 1.99 20.26
CA ILE B 232 -12.33 3.29 20.74
C ILE B 232 -13.78 3.17 21.21
N ALA B 233 -14.62 2.53 20.40
CA ALA B 233 -16.02 2.36 20.79
C ALA B 233 -16.13 1.51 22.05
N GLN B 234 -15.29 0.49 22.18
CA GLN B 234 -15.31 -0.32 23.40
C GLN B 234 -15.05 0.54 24.64
N ALA B 235 -14.06 1.45 24.54
CA ALA B 235 -13.71 2.35 25.62
C ALA B 235 -14.70 3.52 25.77
N ALA B 236 -15.66 3.65 24.86
CA ALA B 236 -16.72 4.68 24.92
C ALA B 236 -16.15 6.09 24.92
N LEU B 237 -15.06 6.30 24.17
CA LEU B 237 -14.38 7.59 24.20
C LEU B 237 -14.95 8.56 23.16
N ARG B 238 -14.91 9.85 23.49
CA ARG B 238 -15.32 10.90 22.57
C ARG B 238 -14.31 12.03 22.69
N SER B 239 -13.59 12.32 21.58
CA SER B 239 -12.62 13.40 21.62
C SER B 239 -12.14 13.77 20.23
N PRO B 240 -11.96 15.06 19.94
CA PRO B 240 -11.35 15.45 18.65
C PRO B 240 -9.86 15.17 18.59
N ASN B 241 -9.23 14.81 19.72
CA ASN B 241 -7.81 14.43 19.69
C ASN B 241 -7.58 13.07 19.04
N LEU B 242 -8.63 12.26 18.93
CA LEU B 242 -8.48 10.90 18.45
C LEU B 242 -8.41 10.84 16.93
N ILE B 243 -7.49 10.03 16.42
CA ILE B 243 -7.43 9.68 15.01
C ILE B 243 -7.39 8.16 14.95
N SER B 244 -8.38 7.56 14.30
CA SER B 244 -8.55 6.11 14.29
C SER B 244 -8.09 5.54 12.95
N ILE B 245 -7.15 4.60 12.98
CA ILE B 245 -6.71 3.92 11.76
C ILE B 245 -7.10 2.45 11.88
N GLY B 246 -7.53 1.86 10.78
CA GLY B 246 -7.88 0.44 10.81
C GLY B 246 -7.59 -0.18 9.47
N THR B 247 -7.49 -1.52 9.47
CA THR B 247 -7.34 -2.26 8.22
C THR B 247 -8.57 -3.14 8.00
N LEU B 248 -8.82 -3.45 6.73
CA LEU B 248 -10.02 -4.13 6.32
C LEU B 248 -9.71 -5.53 5.78
N ASP B 249 -8.52 -6.04 6.06
CA ASP B 249 -8.10 -7.35 5.57
C ASP B 249 -8.05 -8.39 6.68
N LYS B 250 -8.59 -8.08 7.86
CA LYS B 250 -8.53 -9.01 8.98
C LYS B 250 -9.97 -9.41 9.30
N ALA B 251 -10.58 -8.85 10.35
CA ALA B 251 -11.99 -9.19 10.62
C ALA B 251 -12.89 -8.90 9.42
N ALA B 252 -12.62 -7.84 8.65
CA ALA B 252 -13.54 -7.49 7.56
C ALA B 252 -13.43 -8.42 6.34
N GLY B 253 -12.34 -9.19 6.22
CA GLY B 253 -12.26 -10.21 5.20
C GLY B 253 -12.04 -9.75 3.78
N VAL B 254 -11.60 -8.50 3.56
CA VAL B 254 -11.38 -8.02 2.20
C VAL B 254 -9.96 -7.43 2.13
N SER B 255 -9.85 -6.13 1.87
CA SER B 255 -8.54 -5.50 1.79
C SER B 255 -8.71 -4.01 2.02
N GLY B 256 -7.58 -3.34 2.27
CA GLY B 256 -7.54 -1.89 2.39
C GLY B 256 -7.46 -1.43 3.83
N ALA B 257 -7.59 -0.12 4.00
CA ALA B 257 -7.45 0.48 5.33
C ALA B 257 -8.18 1.81 5.34
N PHE B 258 -8.33 2.37 6.54
CA PHE B 258 -9.04 3.63 6.67
C PHE B 258 -8.38 4.48 7.75
N VAL B 259 -8.62 5.78 7.64
CA VAL B 259 -8.38 6.76 8.69
C VAL B 259 -9.69 7.47 8.94
N ALA B 260 -10.12 7.53 10.20
CA ALA B 260 -11.32 8.26 10.59
C ALA B 260 -10.94 9.33 11.60
N ALA B 261 -11.47 10.54 11.45
CA ALA B 261 -11.07 11.63 12.32
C ALA B 261 -12.02 12.79 12.13
N HIS B 262 -11.79 13.83 12.92
CA HIS B 262 -12.44 15.13 12.71
C HIS B 262 -12.33 15.51 11.24
N GLU B 263 -13.39 16.10 10.69
CA GLU B 263 -13.39 16.43 9.27
C GLU B 263 -12.20 17.31 8.89
N THR B 264 -11.76 18.20 9.80
CA THR B 264 -10.63 19.07 9.46
C THR B 264 -9.34 18.27 9.32
N VAL B 265 -9.16 17.24 10.14
CA VAL B 265 -8.01 16.36 10.00
C VAL B 265 -8.03 15.66 8.65
N ILE B 266 -9.18 15.10 8.28
CA ILE B 266 -9.28 14.40 7.00
C ILE B 266 -9.01 15.35 5.84
N GLU B 267 -9.57 16.58 5.89
CA GLU B 267 -9.33 17.52 4.80
CA GLU B 267 -9.32 17.57 4.84
C GLU B 267 -7.84 17.86 4.71
N TRP B 268 -7.16 17.97 5.86
CA TRP B 268 -5.73 18.24 5.86
C TRP B 268 -4.95 17.10 5.21
N LEU B 269 -5.30 15.85 5.54
CA LEU B 269 -4.65 14.71 4.90
C LEU B 269 -4.82 14.75 3.38
N VAL B 270 -6.03 15.05 2.91
CA VAL B 270 -6.27 15.07 1.46
C VAL B 270 -5.39 16.13 0.80
N GLN B 271 -5.17 17.27 1.47
CA GLN B 271 -4.42 18.35 0.88
C GLN B 271 -2.91 18.21 1.07
N ARG B 272 -2.48 17.63 2.20
CA ARG B 272 -1.06 17.67 2.56
C ARG B 272 -0.34 16.35 2.34
N ALA B 273 -0.99 15.22 2.62
CA ALA B 273 -0.33 13.93 2.40
C ALA B 273 -0.03 13.70 0.92
N ARG B 274 -0.75 14.38 0.03
CA ARG B 274 -0.77 14.13 -1.42
C ARG B 274 0.58 13.74 -2.04
N THR B 280 -2.04 5.21 -4.89
CA THR B 280 -3.09 4.78 -5.81
C THR B 280 -4.07 3.86 -5.10
N ALA B 281 -5.33 3.90 -5.52
CA ALA B 281 -6.37 3.16 -4.81
C ALA B 281 -6.46 1.72 -5.33
N SER B 282 -6.94 0.83 -4.46
CA SER B 282 -7.08 -0.58 -4.79
CA SER B 282 -7.08 -0.58 -4.79
C SER B 282 -8.19 -0.79 -5.81
N VAL B 283 -8.46 -2.05 -6.14
CA VAL B 283 -9.49 -2.27 -7.18
C VAL B 283 -10.85 -1.84 -6.65
N PRO B 284 -11.69 -1.21 -7.47
CA PRO B 284 -12.96 -0.68 -6.95
C PRO B 284 -13.86 -1.76 -6.38
N ALA B 285 -13.78 -2.98 -6.91
CA ALA B 285 -14.64 -4.04 -6.39
C ALA B 285 -14.37 -4.31 -4.93
N ALA B 286 -13.13 -4.10 -4.48
CA ALA B 286 -12.79 -4.33 -3.08
C ALA B 286 -13.54 -3.36 -2.16
N ALA B 287 -13.61 -2.09 -2.55
CA ALA B 287 -14.33 -1.11 -1.75
C ALA B 287 -15.81 -1.49 -1.64
N HIS B 288 -16.43 -1.85 -2.77
CA HIS B 288 -17.81 -2.31 -2.77
C HIS B 288 -18.00 -3.49 -1.82
N ALA B 289 -17.08 -4.44 -1.85
CA ALA B 289 -17.20 -5.59 -0.95
C ALA B 289 -17.01 -5.21 0.51
N VAL B 290 -16.15 -4.23 0.82
CA VAL B 290 -16.03 -3.80 2.21
C VAL B 290 -17.35 -3.20 2.69
N SER B 291 -18.04 -2.44 1.84
CA SER B 291 -19.34 -1.91 2.23
C SER B 291 -20.31 -3.03 2.59
N ALA B 292 -20.32 -4.11 1.81
CA ALA B 292 -21.16 -5.25 2.15
C ALA B 292 -20.69 -5.90 3.45
N SER B 293 -19.37 -6.01 3.65
CA SER B 293 -18.84 -6.58 4.89
C SER B 293 -19.26 -5.76 6.12
N LEU B 294 -19.22 -4.41 6.03
CA LEU B 294 -19.63 -3.62 7.20
C LEU B 294 -21.05 -3.96 7.63
N ARG B 295 -21.94 -4.22 6.67
CA ARG B 295 -23.32 -4.55 7.02
C ARG B 295 -23.40 -5.87 7.79
N ILE B 296 -22.56 -6.84 7.43
CA ILE B 296 -22.53 -8.09 8.18
C ILE B 296 -21.94 -7.86 9.56
N ILE B 297 -20.79 -7.18 9.61
CA ILE B 297 -20.05 -6.99 10.87
C ILE B 297 -20.94 -6.34 11.91
N GLY B 298 -21.63 -5.26 11.53
CA GLY B 298 -22.39 -4.49 12.50
C GLY B 298 -23.76 -5.05 12.81
N GLY B 299 -24.17 -6.11 12.11
CA GLY B 299 -25.50 -6.65 12.24
C GLY B 299 -25.56 -7.85 13.17
N GLU B 300 -26.72 -8.52 13.16
CA GLU B 300 -26.92 -9.67 14.04
C GLU B 300 -25.96 -10.80 13.74
N GLU B 301 -25.57 -10.95 12.46
CA GLU B 301 -24.62 -12.02 12.13
C GLU B 301 -23.25 -11.73 12.73
N GLY B 302 -22.82 -10.46 12.67
CA GLY B 302 -21.57 -10.08 13.30
C GLY B 302 -21.62 -10.27 14.81
N ASP B 303 -22.74 -9.89 15.44
CA ASP B 303 -22.87 -10.12 16.87
C ASP B 303 -22.70 -11.60 17.21
N ALA B 304 -23.33 -12.48 16.43
CA ALA B 304 -23.26 -13.91 16.71
C ALA B 304 -21.85 -14.45 16.51
N ARG B 305 -21.17 -13.99 15.46
CA ARG B 305 -19.80 -14.46 15.24
C ARG B 305 -18.88 -14.00 16.36
N ARG B 306 -19.06 -12.76 16.82
CA ARG B 306 -18.24 -12.25 17.93
C ARG B 306 -18.51 -13.05 19.20
N ALA B 307 -19.78 -13.38 19.46
CA ALA B 307 -20.09 -14.09 20.70
C ALA B 307 -19.47 -15.47 20.68
N HIS B 308 -19.47 -16.12 19.51
CA HIS B 308 -18.81 -17.42 19.38
C HIS B 308 -17.31 -17.29 19.58
N LEU B 309 -16.69 -16.29 18.93
CA LEU B 309 -15.26 -16.04 19.13
C LEU B 309 -14.93 -15.85 20.61
N GLN B 310 -15.78 -15.15 21.36
CA GLN B 310 -15.51 -14.96 22.79
C GLN B 310 -15.52 -16.28 23.54
N GLN B 311 -16.41 -17.21 23.15
CA GLN B 311 -16.41 -18.53 23.78
C GLN B 311 -15.11 -19.27 23.50
N LEU B 312 -14.63 -19.21 22.26
CA LEU B 312 -13.37 -19.85 21.89
C LEU B 312 -12.20 -19.28 22.68
N ILE B 313 -12.19 -17.95 22.85
CA ILE B 313 -11.13 -17.29 23.60
C ILE B 313 -11.12 -17.76 25.05
N GLY B 314 -12.30 -17.84 25.67
CA GLY B 314 -12.34 -18.30 27.05
C GLY B 314 -11.80 -19.70 27.22
N ARG B 315 -12.12 -20.59 26.29
CA ARG B 315 -11.59 -21.94 26.40
C ARG B 315 -10.08 -21.97 26.14
N THR B 316 -9.63 -21.22 25.14
CA THR B 316 -8.22 -21.26 24.75
C THR B 316 -7.31 -20.66 25.82
N ARG B 317 -7.74 -19.60 26.53
CA ARG B 317 -6.90 -19.01 27.57
C ARG B 317 -6.49 -20.06 28.60
N ALA B 318 -7.44 -20.90 29.03
CA ALA B 318 -7.14 -21.91 30.03
C ALA B 318 -6.27 -23.02 29.45
N MET B 319 -6.51 -23.35 28.19
CA MET B 319 -5.69 -24.35 27.50
CA MET B 319 -5.69 -24.36 27.52
C MET B 319 -4.21 -23.96 27.51
N LEU B 320 -3.92 -22.68 27.25
CA LEU B 320 -2.53 -22.25 27.24
C LEU B 320 -1.94 -22.24 28.64
N LYS B 321 -2.73 -21.84 29.64
CA LYS B 321 -2.24 -21.82 31.01
C LYS B 321 -1.90 -23.23 31.50
N ALA B 322 -2.54 -24.25 30.94
CA ALA B 322 -2.26 -25.63 31.32
C ALA B 322 -0.94 -26.15 30.78
N THR B 323 -0.30 -25.46 29.84
CA THR B 323 1.01 -25.90 29.35
C THR B 323 2.11 -25.45 30.32
N PRO B 324 3.32 -26.00 30.21
CA PRO B 324 4.43 -25.53 31.04
C PRO B 324 5.01 -24.18 30.60
N TRP B 325 4.49 -23.56 29.56
CA TRP B 325 5.02 -22.29 29.10
C TRP B 325 4.08 -21.14 29.50
N LEU B 326 4.53 -19.92 29.23
CA LEU B 326 3.87 -18.74 29.76
C LEU B 326 3.00 -18.11 28.68
N PRO B 327 1.67 -18.10 28.83
CA PRO B 327 0.84 -17.37 27.87
C PRO B 327 0.97 -15.88 28.08
N VAL B 328 0.78 -15.13 27.01
CA VAL B 328 0.46 -13.70 27.16
C VAL B 328 -1.02 -13.62 27.53
N ASP B 329 -1.32 -12.81 28.55
CA ASP B 329 -2.69 -12.67 29.08
C ASP B 329 -3.53 -11.88 28.09
N SER B 330 -4.27 -12.56 27.22
CA SER B 330 -5.00 -11.92 26.14
C SER B 330 -6.48 -12.29 26.23
N HIS B 331 -7.34 -11.29 26.04
CA HIS B 331 -8.78 -11.52 25.96
C HIS B 331 -9.31 -11.37 24.54
N THR B 332 -8.40 -11.41 23.55
CA THR B 332 -8.74 -11.30 22.13
C THR B 332 -8.42 -12.61 21.43
N ALA B 333 -8.69 -12.64 20.13
CA ALA B 333 -8.43 -13.83 19.32
C ALA B 333 -6.94 -14.14 19.17
N VAL B 334 -6.06 -13.21 19.49
CA VAL B 334 -4.62 -13.42 19.46
C VAL B 334 -4.22 -14.08 20.78
N GLN B 335 -3.73 -15.32 20.71
CA GLN B 335 -3.44 -16.13 21.89
C GLN B 335 -1.99 -16.61 21.79
N PRO B 336 -1.03 -15.83 22.29
CA PRO B 336 0.38 -16.23 22.20
C PRO B 336 0.83 -17.04 23.40
N LEU B 337 1.77 -17.95 23.11
CA LEU B 337 2.40 -18.78 24.13
C LEU B 337 3.91 -18.57 24.03
N ILE B 338 4.48 -17.92 25.04
CA ILE B 338 5.90 -17.59 25.04
C ILE B 338 6.71 -18.86 25.33
N ILE B 339 7.63 -19.18 24.44
CA ILE B 339 8.51 -20.34 24.59
C ILE B 339 9.90 -19.90 25.02
N GLY B 340 10.46 -18.90 24.35
CA GLY B 340 11.77 -18.39 24.68
C GLY B 340 12.74 -18.40 23.51
N ALA B 341 13.50 -19.49 23.37
CA ALA B 341 14.50 -19.58 22.32
C ALA B 341 13.86 -19.95 20.99
N ASN B 342 14.56 -19.59 19.91
CA ASN B 342 14.05 -19.86 18.56
C ASN B 342 13.91 -21.36 18.32
N ASP B 343 14.95 -22.12 18.65
CA ASP B 343 14.96 -23.57 18.43
CA ASP B 343 14.93 -23.56 18.38
C ASP B 343 13.81 -24.25 19.14
N ALA B 344 13.62 -23.95 20.43
CA ALA B 344 12.55 -24.57 21.19
C ALA B 344 11.18 -24.21 20.62
N THR B 345 11.02 -22.98 20.14
CA THR B 345 9.73 -22.57 19.57
C THR B 345 9.44 -23.34 18.29
N LEU B 346 10.43 -23.40 17.38
CA LEU B 346 10.23 -24.10 16.12
C LEU B 346 9.89 -25.57 16.36
N GLU B 347 10.51 -26.21 17.35
CA GLU B 347 10.26 -27.62 17.60
C GLU B 347 8.86 -27.84 18.17
N ILE B 348 8.37 -26.91 18.98
CA ILE B 348 7.00 -27.04 19.46
C ILE B 348 6.01 -26.87 18.31
N ALA B 349 6.27 -25.91 17.41
CA ALA B 349 5.38 -25.75 16.27
C ALA B 349 5.40 -26.99 15.38
N ALA B 350 6.54 -27.66 15.27
CA ALA B 350 6.62 -28.88 14.47
C ALA B 350 5.79 -29.99 15.10
N THR B 351 5.82 -30.08 16.43
CA THR B 351 5.01 -31.09 17.11
C THR B 351 3.53 -30.87 16.83
N LEU B 352 3.07 -29.62 16.89
CA LEU B 352 1.69 -29.32 16.56
C LEU B 352 1.40 -29.63 15.09
N ASP B 353 2.34 -29.35 14.19
CA ASP B 353 2.14 -29.66 12.78
C ASP B 353 1.90 -31.16 12.61
N ARG B 354 2.70 -32.00 13.27
CA ARG B 354 2.52 -33.44 13.19
CA ARG B 354 2.51 -33.43 13.18
C ARG B 354 1.15 -33.85 13.70
N ALA B 355 0.58 -33.09 14.63
CA ALA B 355 -0.75 -33.37 15.15
C ALA B 355 -1.86 -32.75 14.30
N GLY B 356 -1.52 -32.26 13.11
CA GLY B 356 -2.50 -31.73 12.19
C GLY B 356 -2.88 -30.29 12.41
N LEU B 357 -2.01 -29.49 13.03
CA LEU B 357 -2.35 -28.12 13.41
C LEU B 357 -1.27 -27.16 12.89
N TRP B 358 -1.68 -26.04 12.30
CA TRP B 358 -0.72 -25.05 11.83
C TRP B 358 -0.76 -23.86 12.79
N VAL B 359 0.30 -23.71 13.59
CA VAL B 359 0.42 -22.63 14.56
C VAL B 359 1.75 -21.92 14.30
N PRO B 360 1.74 -20.65 13.90
CA PRO B 360 2.99 -19.96 13.57
C PRO B 360 3.94 -19.82 14.76
N ALA B 361 5.23 -19.88 14.46
CA ALA B 361 6.28 -19.54 15.41
C ALA B 361 6.82 -18.15 15.08
N ILE B 362 6.81 -17.25 16.08
CA ILE B 362 7.26 -15.86 15.91
C ILE B 362 8.58 -15.68 16.64
N ARG B 363 9.53 -15.00 16.01
CA ARG B 363 10.89 -14.87 16.52
C ARG B 363 11.38 -13.44 16.34
N PRO B 364 12.43 -13.06 17.06
CA PRO B 364 13.00 -11.73 16.83
C PRO B 364 13.44 -11.59 15.38
N PRO B 365 13.39 -10.37 14.83
CA PRO B 365 13.11 -9.09 15.49
C PRO B 365 11.64 -8.74 15.60
N THR B 366 10.73 -9.64 15.19
CA THR B 366 9.31 -9.34 15.30
C THR B 366 8.88 -9.20 16.74
N VAL B 367 9.50 -9.95 17.64
CA VAL B 367 9.23 -9.89 19.07
C VAL B 367 10.55 -9.62 19.77
N PRO B 368 10.50 -9.20 21.05
CA PRO B 368 11.75 -8.94 21.79
C PRO B 368 12.59 -10.19 21.97
N THR B 369 13.90 -9.99 22.06
CA THR B 369 14.84 -11.10 22.19
C THR B 369 14.48 -11.97 23.39
N GLY B 370 14.57 -13.29 23.20
CA GLY B 370 14.22 -14.20 24.26
C GLY B 370 12.74 -14.44 24.47
N THR B 371 11.87 -13.87 23.64
CA THR B 371 10.43 -14.08 23.77
C THR B 371 9.84 -14.69 22.49
N SER B 372 10.59 -15.58 21.84
CA SER B 372 10.02 -16.33 20.74
C SER B 372 8.81 -17.12 21.22
N ARG B 373 7.81 -17.26 20.35
CA ARG B 373 6.49 -17.66 20.82
C ARG B 373 5.69 -18.30 19.70
N LEU B 374 4.72 -19.12 20.10
CA LEU B 374 3.61 -19.48 19.24
C LEU B 374 2.60 -18.33 19.19
N ARG B 375 1.94 -18.17 18.05
CA ARG B 375 0.85 -17.21 17.92
C ARG B 375 -0.37 -17.98 17.43
N ILE B 376 -1.25 -18.36 18.35
CA ILE B 376 -2.52 -18.99 17.98
C ILE B 376 -3.51 -17.89 17.64
N SER B 377 -4.08 -17.94 16.44
CA SER B 377 -5.05 -16.94 16.03
C SER B 377 -6.41 -17.61 15.86
N LEU B 378 -7.38 -17.23 16.68
CA LEU B 378 -8.72 -17.83 16.67
C LEU B 378 -9.62 -17.15 15.64
N SER B 379 -10.60 -17.90 15.14
CA SER B 379 -11.55 -17.44 14.13
C SER B 379 -12.95 -17.92 14.49
N ALA B 380 -13.97 -17.13 14.11
CA ALA B 380 -15.35 -17.59 14.24
C ALA B 380 -15.59 -18.87 13.46
N ALA B 381 -14.69 -19.20 12.51
CA ALA B 381 -14.79 -20.43 11.74
C ALA B 381 -14.35 -21.66 12.53
N HIS B 382 -13.63 -21.48 13.64
CA HIS B 382 -13.20 -22.61 14.46
C HIS B 382 -14.36 -23.12 15.30
N SER B 383 -14.48 -24.45 15.40
CA SER B 383 -15.51 -25.07 16.23
C SER B 383 -14.90 -25.56 17.53
N GLN B 384 -15.77 -25.90 18.48
CA GLN B 384 -15.26 -26.52 19.71
C GLN B 384 -14.52 -27.82 19.39
N ALA B 385 -14.91 -28.52 18.32
CA ALA B 385 -14.17 -29.72 17.92
C ALA B 385 -12.76 -29.38 17.45
N ASP B 386 -12.61 -28.28 16.71
CA ASP B 386 -11.27 -27.82 16.35
C ASP B 386 -10.42 -27.53 17.58
N LEU B 387 -11.02 -26.91 18.61
CA LEU B 387 -10.27 -26.66 19.81
C LEU B 387 -9.97 -27.96 20.56
N ASP B 388 -10.84 -28.96 20.45
CA ASP B 388 -10.50 -30.29 20.98
C ASP B 388 -9.17 -30.76 20.42
N ARG B 389 -8.96 -30.58 19.11
CA ARG B 389 -7.73 -31.05 18.47
C ARG B 389 -6.54 -30.21 18.91
N LEU B 390 -6.72 -28.89 18.99
CA LEU B 390 -5.66 -28.02 19.48
C LEU B 390 -5.26 -28.38 20.90
N GLU B 391 -6.25 -28.65 21.75
CA GLU B 391 -5.94 -29.01 23.13
C GLU B 391 -5.16 -30.31 23.19
N ALA B 392 -5.57 -31.31 22.38
CA ALA B 392 -4.84 -32.57 22.33
C ALA B 392 -3.39 -32.35 21.92
N GLY B 393 -3.14 -31.47 20.94
CA GLY B 393 -1.79 -31.17 20.55
C GLY B 393 -1.00 -30.48 21.65
N LEU B 394 -1.63 -29.51 22.33
CA LEU B 394 -0.94 -28.80 23.40
C LEU B 394 -0.57 -29.73 24.54
N GLN B 395 -1.45 -30.68 24.86
CA GLN B 395 -1.18 -31.68 25.89
C GLN B 395 -0.05 -32.64 25.52
N GLN B 396 0.67 -32.46 24.41
CA GLN B 396 1.84 -33.27 24.11
C GLN B 396 3.11 -32.58 24.56
#